data_5CEY
#
_entry.id   5CEY
#
_cell.length_a   40.736
_cell.length_b   338.146
_cell.length_c   62.115
_cell.angle_alpha   90.00
_cell.angle_beta   90.00
_cell.angle_gamma   90.00
#
_symmetry.space_group_name_H-M   'P 21 21 21'
#
loop_
_entity.id
_entity.type
_entity.pdbx_description
1 polymer 'Antibody 9H+3L Fab light chain'
2 polymer 'Antibody 9H+3L Fab heavy chain'
3 non-polymer GLYCEROL
4 non-polymer 'HEXAETHYLENE GLYCOL'
5 non-polymer '1-DEOXY-1-THIO-HEPTAETHYLENE GLYCOL'
6 water water
#
loop_
_entity_poly.entity_id
_entity_poly.type
_entity_poly.pdbx_seq_one_letter_code
_entity_poly.pdbx_strand_id
1 'polypeptide(L)'
;GSVTSYVRPLSVALGETASISCGRQALGSRAVQWYQHRPGQAPILLIYNNQDRPSGIPERFSGTPDINFGTRATLTISGV
EAGDEADYYCHMWDSRSGFSWSFGGATRLTVLGQPKAAPSVTLFPPSSEELQANKATLVCLISDFYPGAVTVAWKADSSP
VKAGVETTTPSKQSNNKYAASSYLSLTPEQWKSHKSYSCQVTHEGSTVEKTVAPTECS
;
A,C
2 'polypeptide(L)'
;QVQLQESGPGLVKPSETLSVTCIVSGGSISNYYWTWIRQSPGKGLEWIGYISDRETTTYNPSLKSRVVISRDTSKNQLSL
KLNSVTAADTAIYYCATARRGQRIYGVVSFGEFFYYYYMDVWGKGTAVTVSSASTKGPSVFPLAPSSKSTSGGTAALGCL
VKDYFPEPVTVSWNSGALTSGVHTFPAVLQSSGLYSLSSVVTVPSSSLGTQTYICNVNHKPSNTKVDKKVEPKSCD
;
B,D
#
# COMPACT_ATOMS: atom_id res chain seq x y z
N SER A 5 -37.40 8.96 1.50
CA SER A 5 -36.22 9.42 0.78
C SER A 5 -36.23 10.93 0.64
N TYR A 6 -35.08 11.51 0.29
CA TYR A 6 -35.01 12.93 0.02
C TYR A 6 -35.19 13.27 -1.45
N VAL A 7 -35.33 12.23 -2.28
CA VAL A 7 -35.34 12.41 -3.72
C VAL A 7 -36.73 12.25 -4.33
N ARG A 8 -37.14 13.23 -5.13
CA ARG A 8 -38.35 13.10 -5.93
C ARG A 8 -37.99 12.96 -7.40
N PRO A 9 -38.09 11.66 -7.93
CA PRO A 9 -37.75 11.58 -9.36
C PRO A 9 -38.77 12.19 -10.33
N LEU A 10 -38.27 12.77 -11.41
CA LEU A 10 -39.11 13.35 -12.43
C LEU A 10 -38.47 13.16 -13.80
N SER A 11 -39.19 12.51 -14.71
CA SER A 11 -38.67 12.20 -16.04
C SER A 11 -39.27 13.09 -17.12
N VAL A 12 -38.42 13.64 -17.98
CA VAL A 12 -38.83 14.53 -19.05
C VAL A 12 -38.14 14.16 -20.37
N ALA A 13 -38.88 14.15 -21.45
CA ALA A 13 -38.32 13.88 -22.77
C ALA A 13 -37.48 15.03 -23.30
N LEU A 14 -36.54 14.71 -24.19
CA LEU A 14 -35.61 15.69 -24.72
C LEU A 14 -36.31 16.79 -25.51
N GLY A 15 -35.85 18.02 -25.30
CA GLY A 15 -36.28 19.17 -26.06
C GLY A 15 -37.57 19.76 -25.53
N GLU A 16 -38.16 19.06 -24.57
CA GLU A 16 -39.38 19.50 -23.91
C GLU A 16 -39.04 20.51 -22.84
N THR A 17 -40.06 21.17 -22.30
CA THR A 17 -39.83 22.09 -21.21
C THR A 17 -40.23 21.45 -19.89
N ALA A 18 -39.29 21.42 -18.95
CA ALA A 18 -39.54 20.89 -17.62
C ALA A 18 -40.30 21.88 -16.74
N SER A 19 -41.08 21.36 -15.81
CA SER A 19 -41.72 22.20 -14.82
C SER A 19 -41.39 21.66 -13.45
N ILE A 20 -40.72 22.46 -12.62
CA ILE A 20 -40.37 22.01 -11.27
C ILE A 20 -40.93 22.91 -10.19
N SER A 21 -41.57 22.31 -9.20
CA SER A 21 -42.23 23.04 -8.14
C SER A 21 -41.55 22.84 -6.79
N CYS A 22 -41.31 23.93 -6.08
CA CYS A 22 -40.63 23.86 -4.79
C CYS A 22 -41.52 23.05 -3.87
N GLY A 23 -40.91 22.33 -2.94
CA GLY A 23 -41.65 21.41 -2.10
C GLY A 23 -42.68 22.08 -1.24
N ARG A 24 -42.35 23.22 -0.66
CA ARG A 24 -43.30 23.95 0.15
C ARG A 24 -43.58 25.31 -0.47
N GLN A 25 -44.85 25.62 -0.68
CA GLN A 25 -45.24 26.93 -1.17
C GLN A 25 -45.19 27.96 -0.06
N ALA A 26 -44.98 29.23 -0.42
CA ALA A 26 -44.85 30.30 0.56
C ALA A 26 -46.18 30.68 1.20
N LEU A 27 -46.11 31.23 2.40
CA LEU A 27 -47.30 31.77 3.04
C LEU A 27 -47.52 33.24 2.72
N GLY A 28 -46.43 33.93 2.40
CA GLY A 28 -46.48 35.36 2.22
C GLY A 28 -45.51 35.83 1.16
N SER A 29 -44.86 36.96 1.43
CA SER A 29 -43.81 37.43 0.57
C SER A 29 -42.71 36.39 0.61
N ARG A 30 -42.08 36.14 -0.53
CA ARG A 30 -41.07 35.10 -0.61
C ARG A 30 -39.82 35.45 -1.38
N ALA A 31 -38.76 34.70 -1.10
CA ALA A 31 -37.49 34.81 -1.80
C ALA A 31 -36.95 33.42 -2.10
N VAL A 32 -37.17 32.94 -3.31
CA VAL A 32 -36.86 31.57 -3.68
C VAL A 32 -35.57 31.45 -4.48
N GLN A 33 -34.75 30.48 -4.08
CA GLN A 33 -33.50 30.20 -4.74
C GLN A 33 -33.52 28.78 -5.28
N TRP A 34 -32.96 28.61 -6.46
CA TRP A 34 -32.87 27.30 -7.08
C TRP A 34 -31.43 26.85 -7.25
N TYR A 35 -31.13 25.65 -6.80
CA TYR A 35 -29.78 25.11 -6.90
C TYR A 35 -29.76 23.85 -7.77
N GLN A 36 -28.79 23.78 -8.66
CA GLN A 36 -28.61 22.59 -9.46
C GLN A 36 -27.38 21.84 -8.98
N HIS A 37 -27.58 20.60 -8.55
CA HIS A 37 -26.47 19.78 -8.09
C HIS A 37 -26.39 18.45 -8.81
N ARG A 38 -25.22 18.17 -9.36
CA ARG A 38 -24.91 16.84 -9.86
C ARG A 38 -23.95 16.16 -8.89
N PRO A 39 -24.44 15.10 -8.21
CA PRO A 39 -23.68 14.29 -7.25
C PRO A 39 -22.23 14.07 -7.66
N GLY A 40 -21.29 14.54 -6.83
CA GLY A 40 -19.88 14.43 -7.14
C GLY A 40 -19.29 15.78 -7.49
N GLN A 41 -20.13 16.68 -7.99
CA GLN A 41 -19.68 18.01 -8.36
C GLN A 41 -20.30 19.06 -7.46
N ALA A 42 -19.84 20.30 -7.57
CA ALA A 42 -20.33 21.39 -6.73
C ALA A 42 -21.69 21.90 -7.22
N PRO A 43 -22.58 22.20 -6.27
CA PRO A 43 -23.88 22.80 -6.58
C PRO A 43 -23.73 24.13 -7.31
N ILE A 44 -24.75 24.51 -8.06
CA ILE A 44 -24.74 25.76 -8.79
C ILE A 44 -26.01 26.53 -8.52
N LEU A 45 -25.94 27.85 -8.50
CA LEU A 45 -27.13 28.63 -8.27
C LEU A 45 -27.76 29.02 -9.59
N LEU A 46 -28.85 28.34 -9.96
CA LEU A 46 -29.65 28.72 -11.11
C LEU A 46 -30.44 30.02 -10.97
N ILE A 47 -31.13 30.16 -9.85
CA ILE A 47 -32.05 31.27 -9.65
C ILE A 47 -32.03 31.77 -8.22
N TYR A 48 -32.10 33.09 -8.07
CA TYR A 48 -32.22 33.71 -6.76
C TYR A 48 -33.22 34.86 -6.82
N ASN A 49 -33.79 35.20 -5.68
CA ASN A 49 -34.79 36.26 -5.63
C ASN A 49 -35.98 36.00 -6.53
N ASN A 50 -36.45 34.75 -6.54
CA ASN A 50 -37.60 34.33 -7.31
C ASN A 50 -37.35 34.19 -8.80
N GLN A 51 -36.94 35.27 -9.45
CA GLN A 51 -36.69 35.20 -10.89
C GLN A 51 -35.30 35.64 -11.36
N ASP A 52 -34.50 36.22 -10.48
CA ASP A 52 -33.19 36.74 -10.88
C ASP A 52 -32.22 35.63 -11.31
N ARG A 53 -31.47 35.89 -12.37
CA ARG A 53 -30.61 34.85 -12.94
C ARG A 53 -29.15 35.29 -13.03
N PRO A 54 -28.24 34.57 -12.34
CA PRO A 54 -26.81 34.84 -12.38
C PRO A 54 -26.26 34.71 -13.80
N SER A 55 -25.22 35.47 -14.09
CA SER A 55 -24.57 35.49 -15.38
C SER A 55 -23.90 34.15 -15.62
N GLY A 56 -23.87 33.73 -16.87
CA GLY A 56 -23.32 32.44 -17.22
C GLY A 56 -24.36 31.36 -17.01
N ILE A 57 -25.57 31.78 -16.66
CA ILE A 57 -26.68 30.84 -16.56
C ILE A 57 -27.59 31.03 -17.75
N PRO A 58 -27.89 29.86 -18.45
CA PRO A 58 -28.69 30.09 -19.67
C PRO A 58 -30.11 30.57 -19.43
N GLU A 59 -30.64 31.21 -20.46
CA GLU A 59 -31.98 31.80 -20.49
C GLU A 59 -33.06 30.75 -20.34
N ARG A 60 -32.71 29.51 -20.64
CA ARG A 60 -33.66 28.40 -20.61
C ARG A 60 -34.24 28.23 -19.22
N PHE A 61 -33.41 28.42 -18.20
CA PHE A 61 -33.86 28.36 -16.82
C PHE A 61 -34.55 29.65 -16.42
N SER A 62 -35.72 29.54 -15.83
CA SER A 62 -36.44 30.71 -15.33
C SER A 62 -37.29 30.36 -14.13
N GLY A 63 -37.60 31.37 -13.34
CA GLY A 63 -38.37 31.20 -12.12
C GLY A 63 -39.60 32.07 -12.18
N THR A 64 -40.62 31.71 -11.41
CA THR A 64 -41.84 32.47 -11.40
C THR A 64 -41.77 33.62 -10.41
N PRO A 65 -41.95 34.90 -10.94
CA PRO A 65 -41.93 35.97 -9.93
C PRO A 65 -43.21 35.95 -9.12
N ASP A 66 -43.17 36.35 -7.85
CA ASP A 66 -44.40 36.39 -7.08
C ASP A 66 -45.01 37.77 -7.11
N ILE A 67 -45.55 38.11 -8.26
CA ILE A 67 -46.22 39.37 -8.45
C ILE A 67 -47.58 39.35 -7.77
N ASN A 68 -48.07 40.54 -7.44
CA ASN A 68 -49.41 40.68 -6.91
C ASN A 68 -49.59 39.92 -5.60
N PHE A 69 -50.76 39.34 -5.39
CA PHE A 69 -51.03 38.65 -4.14
C PHE A 69 -50.20 37.41 -3.89
N GLY A 70 -50.03 36.57 -4.90
CA GLY A 70 -49.20 35.39 -4.76
C GLY A 70 -48.83 34.76 -6.08
N THR A 71 -47.79 33.93 -6.07
CA THR A 71 -47.48 33.06 -7.20
C THR A 71 -46.91 31.74 -6.71
N ARG A 72 -47.25 30.65 -7.40
CA ARG A 72 -46.64 29.37 -7.10
C ARG A 72 -45.20 29.36 -7.58
N ALA A 73 -44.31 28.75 -6.82
CA ALA A 73 -42.90 28.79 -7.18
C ALA A 73 -42.56 27.57 -7.99
N THR A 74 -42.17 27.80 -9.23
CA THR A 74 -41.86 26.72 -10.14
C THR A 74 -40.63 27.08 -10.92
N LEU A 75 -39.83 26.09 -11.27
CA LEU A 75 -38.67 26.33 -12.10
C LEU A 75 -38.94 25.77 -13.48
N THR A 76 -38.72 26.58 -14.50
CA THR A 76 -39.00 26.13 -15.85
C THR A 76 -37.71 26.03 -16.63
N ILE A 77 -37.49 24.88 -17.24
CA ILE A 77 -36.36 24.72 -18.14
C ILE A 77 -36.90 24.47 -19.53
N SER A 78 -36.62 25.39 -20.45
CA SER A 78 -37.08 25.25 -21.83
C SER A 78 -36.06 24.51 -22.68
N GLY A 79 -36.53 23.54 -23.46
CA GLY A 79 -35.67 22.73 -24.30
C GLY A 79 -34.60 22.02 -23.52
N VAL A 80 -35.03 21.15 -22.62
CA VAL A 80 -34.12 20.42 -21.74
C VAL A 80 -33.16 19.56 -22.53
N GLU A 81 -31.91 19.54 -22.09
CA GLU A 81 -30.88 18.75 -22.73
C GLU A 81 -30.46 17.62 -21.79
N ALA A 82 -29.64 16.70 -22.29
CA ALA A 82 -29.17 15.59 -21.48
C ALA A 82 -28.30 16.11 -20.33
N GLY A 83 -27.60 17.21 -20.58
CA GLY A 83 -26.73 17.80 -19.59
C GLY A 83 -27.47 18.53 -18.48
N ASP A 84 -28.80 18.55 -18.57
CA ASP A 84 -29.63 19.18 -17.55
C ASP A 84 -30.04 18.18 -16.48
N GLU A 85 -29.66 16.93 -16.66
CA GLU A 85 -29.95 15.91 -15.67
C GLU A 85 -29.21 16.26 -14.39
N ALA A 86 -29.90 16.20 -13.27
CA ALA A 86 -29.32 16.70 -12.06
C ALA A 86 -30.40 16.87 -10.98
N ASP A 87 -29.95 17.18 -9.77
CA ASP A 87 -30.81 17.30 -8.66
C ASP A 87 -31.12 18.76 -8.46
N TYR A 88 -32.39 19.10 -8.35
CA TYR A 88 -32.77 20.49 -8.22
C TYR A 88 -33.36 20.78 -6.86
N TYR A 89 -32.82 21.81 -6.21
CA TYR A 89 -33.21 22.20 -4.87
C TYR A 89 -33.87 23.55 -4.91
N CYS A 90 -35.02 23.67 -4.27
CA CYS A 90 -35.71 24.93 -4.17
C CYS A 90 -35.52 25.44 -2.76
N HIS A 91 -34.89 26.59 -2.61
CA HIS A 91 -34.64 27.12 -1.30
C HIS A 91 -35.68 28.19 -1.05
N MET A 92 -36.58 27.93 -0.12
CA MET A 92 -37.71 28.81 0.07
C MET A 92 -37.62 29.62 1.34
N TRP A 93 -37.65 30.93 1.19
CA TRP A 93 -37.72 31.83 2.32
C TRP A 93 -39.00 32.64 2.24
N ASP A 94 -39.81 32.55 3.28
CA ASP A 94 -41.02 33.37 3.39
C ASP A 94 -41.08 34.08 4.74
N SER A 95 -42.09 34.92 4.91
CA SER A 95 -42.20 35.79 6.07
C SER A 95 -42.82 35.12 7.29
N ARG A 96 -43.40 33.94 7.09
CA ARG A 96 -44.04 33.23 8.18
C ARG A 96 -43.31 31.97 8.64
N SER A 97 -42.12 31.69 8.10
CA SER A 97 -41.42 30.47 8.47
C SER A 97 -40.07 30.61 9.19
N GLY A 98 -39.41 31.73 9.01
CA GLY A 98 -38.13 32.00 9.66
C GLY A 98 -36.98 31.39 8.89
N PHE A 99 -35.82 31.33 9.54
CA PHE A 99 -34.59 30.86 8.91
C PHE A 99 -34.72 29.42 8.41
N SER A 100 -34.47 29.21 7.14
CA SER A 100 -34.58 27.89 6.53
C SER A 100 -33.21 27.23 6.38
N TRP A 101 -32.85 26.40 7.36
CA TRP A 101 -31.58 25.69 7.34
C TRP A 101 -31.59 24.53 6.35
N SER A 102 -32.78 24.05 6.03
CA SER A 102 -32.91 22.92 5.11
C SER A 102 -33.05 23.39 3.67
N PHE A 103 -32.30 22.75 2.78
CA PHE A 103 -32.43 23.00 1.36
C PHE A 103 -33.67 22.31 0.81
N GLY A 104 -34.22 21.43 1.63
CA GLY A 104 -35.42 20.71 1.28
C GLY A 104 -35.16 19.52 0.38
N GLY A 105 -36.22 19.00 -0.19
CA GLY A 105 -36.13 17.85 -1.07
C GLY A 105 -35.47 18.15 -2.39
N ALA A 106 -34.91 17.11 -2.99
CA ALA A 106 -34.25 17.25 -4.27
C ALA A 106 -35.08 16.61 -5.37
N THR A 107 -35.24 17.32 -6.47
CA THR A 107 -35.93 16.77 -7.61
C THR A 107 -34.90 16.26 -8.60
N ARG A 108 -34.90 14.95 -8.82
CA ARG A 108 -33.92 14.35 -9.71
C ARG A 108 -34.49 14.33 -11.11
N LEU A 109 -33.83 15.02 -12.02
CA LEU A 109 -34.34 15.15 -13.35
C LEU A 109 -33.66 14.14 -14.24
N THR A 110 -34.47 13.29 -14.84
CA THR A 110 -34.00 12.28 -15.77
C THR A 110 -34.49 12.64 -17.15
N VAL A 111 -33.58 12.69 -18.10
CA VAL A 111 -33.93 13.05 -19.46
C VAL A 111 -33.95 11.82 -20.37
N LEU A 112 -35.04 11.70 -21.10
CA LEU A 112 -35.34 10.49 -21.83
C LEU A 112 -35.44 10.78 -23.31
N GLY A 113 -35.31 9.73 -24.09
CA GLY A 113 -35.35 9.84 -25.53
C GLY A 113 -34.00 10.12 -26.16
N GLN A 114 -32.95 10.07 -25.36
CA GLN A 114 -31.60 10.20 -25.90
C GLN A 114 -31.33 9.00 -26.78
N PRO A 115 -30.65 9.19 -27.90
CA PRO A 115 -30.45 8.04 -28.80
C PRO A 115 -29.50 6.96 -28.28
N LYS A 116 -29.75 5.72 -28.71
CA LYS A 116 -28.92 4.59 -28.33
C LYS A 116 -27.49 4.71 -28.85
N ALA A 117 -26.54 4.39 -27.98
CA ALA A 117 -25.13 4.37 -28.34
C ALA A 117 -24.45 3.08 -27.92
N ALA A 118 -23.77 2.44 -28.87
CA ALA A 118 -23.02 1.23 -28.60
C ALA A 118 -21.77 1.50 -27.78
N PRO A 119 -21.47 0.54 -26.80
CA PRO A 119 -20.24 0.84 -26.05
C PRO A 119 -18.93 0.58 -26.80
N SER A 120 -17.90 1.36 -26.46
CA SER A 120 -16.56 1.12 -26.90
C SER A 120 -15.88 0.37 -25.78
N VAL A 121 -15.25 -0.74 -26.11
CA VAL A 121 -14.62 -1.59 -25.10
C VAL A 121 -13.12 -1.75 -25.31
N THR A 122 -12.36 -1.53 -24.26
CA THR A 122 -10.92 -1.77 -24.31
C THR A 122 -10.49 -2.67 -23.16
N LEU A 123 -9.71 -3.70 -23.47
CA LEU A 123 -9.27 -4.63 -22.45
C LEU A 123 -7.75 -4.65 -22.31
N PHE A 124 -7.28 -4.53 -21.07
CA PHE A 124 -5.86 -4.50 -20.82
C PHE A 124 -5.47 -5.74 -20.03
N PRO A 125 -4.45 -6.44 -20.50
CA PRO A 125 -3.89 -7.60 -19.81
C PRO A 125 -3.04 -7.17 -18.61
N PRO A 126 -2.68 -8.11 -17.75
CA PRO A 126 -1.81 -7.76 -16.62
C PRO A 126 -0.47 -7.28 -17.13
N SER A 127 0.02 -6.21 -16.54
CA SER A 127 1.31 -5.63 -16.88
C SER A 127 2.46 -6.47 -16.34
N SER A 128 3.63 -6.30 -16.93
CA SER A 128 4.80 -7.02 -16.46
C SER A 128 5.14 -6.65 -15.02
N GLU A 129 5.00 -5.38 -14.66
CA GLU A 129 5.30 -4.93 -13.31
C GLU A 129 4.40 -5.60 -12.28
N GLU A 130 3.12 -5.73 -12.59
CA GLU A 130 2.17 -6.39 -11.70
C GLU A 130 2.48 -7.86 -11.51
N LEU A 131 2.87 -8.53 -12.59
CA LEU A 131 3.19 -9.95 -12.55
C LEU A 131 4.39 -10.19 -11.64
N GLN A 132 5.34 -9.26 -11.69
CA GLN A 132 6.52 -9.31 -10.84
C GLN A 132 6.12 -9.25 -9.38
N ALA A 133 4.98 -8.63 -9.12
CA ALA A 133 4.45 -8.46 -7.77
C ALA A 133 3.61 -9.65 -7.33
N ASN A 134 3.52 -10.66 -8.19
CA ASN A 134 2.67 -11.83 -7.94
C ASN A 134 1.21 -11.41 -7.82
N LYS A 135 0.85 -10.42 -8.62
CA LYS A 135 -0.54 -10.01 -8.74
C LYS A 135 -0.88 -9.91 -10.22
N ALA A 136 -2.08 -10.33 -10.60
CA ALA A 136 -2.54 -10.11 -11.97
C ALA A 136 -3.95 -9.53 -12.01
N THR A 137 -4.13 -8.41 -12.71
CA THR A 137 -5.46 -7.86 -12.91
C THR A 137 -5.76 -7.50 -14.37
N LEU A 138 -6.93 -7.89 -14.83
CA LEU A 138 -7.36 -7.59 -16.18
C LEU A 138 -8.32 -6.42 -16.13
N VAL A 139 -8.08 -5.41 -16.94
CA VAL A 139 -8.92 -4.23 -16.91
C VAL A 139 -9.75 -4.08 -18.18
N CYS A 140 -11.07 -4.01 -18.00
CA CYS A 140 -12.00 -3.86 -19.11
C CYS A 140 -12.66 -2.50 -18.97
N LEU A 141 -12.50 -1.66 -19.98
CA LEU A 141 -13.08 -0.32 -19.92
C LEU A 141 -14.20 -0.13 -20.92
N ILE A 142 -15.36 0.26 -20.40
CA ILE A 142 -16.55 0.43 -21.22
C ILE A 142 -16.97 1.88 -21.18
N SER A 143 -17.18 2.47 -22.34
CA SER A 143 -17.46 3.88 -22.42
C SER A 143 -18.37 4.27 -23.59
N ASP A 144 -18.88 5.49 -23.52
CA ASP A 144 -19.64 6.10 -24.59
C ASP A 144 -20.92 5.35 -24.98
N PHE A 145 -21.62 4.79 -24.01
CA PHE A 145 -22.81 4.01 -24.29
C PHE A 145 -24.07 4.56 -23.64
N TYR A 146 -25.20 4.34 -24.29
CA TYR A 146 -26.49 4.75 -23.75
C TYR A 146 -27.56 3.76 -24.22
N PRO A 147 -28.47 3.36 -23.32
CA PRO A 147 -28.57 3.78 -21.92
C PRO A 147 -27.52 3.15 -21.01
N GLY A 148 -27.68 3.38 -19.72
CA GLY A 148 -26.70 3.08 -18.70
C GLY A 148 -26.69 1.66 -18.19
N ALA A 149 -27.54 0.80 -18.71
CA ALA A 149 -27.56 -0.58 -18.24
C ALA A 149 -26.75 -1.53 -19.12
N VAL A 150 -25.71 -2.11 -18.53
CA VAL A 150 -24.86 -3.04 -19.24
C VAL A 150 -24.64 -4.32 -18.44
N THR A 151 -24.37 -5.41 -19.15
CA THR A 151 -24.08 -6.69 -18.53
C THR A 151 -22.68 -7.14 -18.89
N VAL A 152 -21.81 -7.26 -17.88
CA VAL A 152 -20.43 -7.64 -18.12
C VAL A 152 -20.17 -9.07 -17.64
N ALA A 153 -19.53 -9.86 -18.50
CA ALA A 153 -19.21 -11.24 -18.17
C ALA A 153 -17.79 -11.57 -18.60
N TRP A 154 -17.06 -12.26 -17.73
CA TRP A 154 -15.68 -12.62 -18.00
C TRP A 154 -15.55 -14.11 -18.27
N LYS A 155 -14.70 -14.47 -19.20
CA LYS A 155 -14.45 -15.87 -19.50
C LYS A 155 -12.97 -16.19 -19.42
N ALA A 156 -12.65 -17.35 -18.89
CA ALA A 156 -11.30 -17.88 -19.01
C ALA A 156 -11.42 -18.96 -20.07
N ASP A 157 -10.67 -18.82 -21.15
CA ASP A 157 -10.88 -19.67 -22.31
C ASP A 157 -12.33 -19.49 -22.78
N SER A 158 -13.06 -20.58 -22.90
CA SER A 158 -14.47 -20.52 -23.29
C SER A 158 -15.41 -20.63 -22.10
N SER A 159 -14.87 -20.64 -20.89
CA SER A 159 -15.66 -20.89 -19.70
C SER A 159 -15.80 -19.68 -18.78
N PRO A 160 -17.11 -19.46 -18.29
CA PRO A 160 -17.23 -18.21 -17.52
C PRO A 160 -16.54 -18.18 -16.17
N VAL A 161 -16.09 -16.99 -15.79
CA VAL A 161 -15.46 -16.73 -14.51
C VAL A 161 -16.26 -15.70 -13.73
N LYS A 162 -16.61 -16.03 -12.50
CA LYS A 162 -17.30 -15.09 -11.63
C LYS A 162 -16.47 -14.66 -10.43
N ALA A 163 -15.25 -15.19 -10.34
CA ALA A 163 -14.44 -15.00 -9.14
C ALA A 163 -13.38 -13.91 -9.31
N GLY A 164 -13.29 -13.02 -8.32
CA GLY A 164 -12.37 -11.91 -8.40
C GLY A 164 -12.82 -10.83 -9.34
N VAL A 165 -14.10 -10.83 -9.68
CA VAL A 165 -14.64 -9.86 -10.60
C VAL A 165 -15.30 -8.69 -9.87
N GLU A 166 -14.87 -7.49 -10.19
CA GLU A 166 -15.43 -6.28 -9.59
C GLU A 166 -15.84 -5.29 -10.68
N THR A 167 -17.11 -4.89 -10.67
CA THR A 167 -17.63 -4.01 -11.70
C THR A 167 -18.33 -2.80 -11.09
N THR A 168 -18.09 -1.63 -11.67
CA THR A 168 -18.75 -0.41 -11.24
C THR A 168 -20.13 -0.29 -11.84
N THR A 169 -21.02 0.43 -11.16
CA THR A 169 -22.29 0.82 -11.74
C THR A 169 -22.01 1.97 -12.72
N PRO A 170 -22.59 1.88 -13.91
CA PRO A 170 -22.32 2.87 -14.94
C PRO A 170 -22.75 4.25 -14.51
N SER A 171 -21.95 5.26 -14.83
CA SER A 171 -22.27 6.63 -14.50
C SER A 171 -21.97 7.54 -15.69
N LYS A 172 -22.70 8.65 -15.77
CA LYS A 172 -22.59 9.56 -16.90
C LYS A 172 -21.25 10.29 -17.01
N GLN A 173 -20.77 10.43 -18.25
CA GLN A 173 -19.59 11.21 -18.55
C GLN A 173 -19.93 12.66 -18.85
N SER A 174 -18.89 13.43 -19.15
CA SER A 174 -19.01 14.81 -19.55
C SER A 174 -19.82 14.93 -20.84
N ASN A 175 -19.67 13.95 -21.73
CA ASN A 175 -20.34 13.95 -23.02
C ASN A 175 -21.77 13.44 -22.95
N ASN A 176 -22.21 13.06 -21.77
CA ASN A 176 -23.57 12.60 -21.53
C ASN A 176 -23.83 11.16 -21.91
N LYS A 177 -22.76 10.41 -22.09
CA LYS A 177 -22.86 8.98 -22.31
C LYS A 177 -22.29 8.31 -21.08
N TYR A 178 -22.69 7.07 -20.86
CA TYR A 178 -22.22 6.31 -19.70
C TYR A 178 -20.83 5.68 -19.83
N ALA A 179 -20.16 5.52 -18.69
CA ALA A 179 -18.88 4.85 -18.62
C ALA A 179 -18.85 3.89 -17.44
N ALA A 180 -18.19 2.75 -17.62
CA ALA A 180 -18.05 1.77 -16.55
C ALA A 180 -16.77 0.97 -16.74
N SER A 181 -16.40 0.20 -15.73
CA SER A 181 -15.20 -0.63 -15.80
C SER A 181 -15.36 -1.90 -14.98
N SER A 182 -14.70 -2.96 -15.43
CA SER A 182 -14.71 -4.23 -14.71
C SER A 182 -13.28 -4.72 -14.49
N TYR A 183 -13.05 -5.36 -13.33
CA TYR A 183 -11.72 -5.82 -12.98
C TYR A 183 -11.73 -7.29 -12.58
N LEU A 184 -10.89 -8.08 -13.26
CA LEU A 184 -10.71 -9.48 -12.93
C LEU A 184 -9.38 -9.70 -12.24
N SER A 185 -9.44 -10.05 -10.95
CA SER A 185 -8.22 -10.27 -10.17
C SER A 185 -7.78 -11.71 -10.25
N LEU A 186 -6.55 -11.92 -10.72
CA LEU A 186 -6.02 -13.25 -10.93
C LEU A 186 -4.63 -13.38 -10.32
N THR A 187 -4.29 -14.59 -9.89
CA THR A 187 -2.90 -14.92 -9.61
C THR A 187 -2.15 -15.03 -10.92
N PRO A 188 -0.81 -14.64 -10.88
CA PRO A 188 -0.13 -14.76 -12.19
C PRO A 188 -0.13 -16.16 -12.78
N GLU A 189 -0.03 -17.19 -11.97
CA GLU A 189 -0.03 -18.56 -12.49
C GLU A 189 -1.34 -18.88 -13.20
N GLN A 190 -2.44 -18.38 -12.64
CA GLN A 190 -3.75 -18.56 -13.25
C GLN A 190 -3.87 -17.88 -14.61
N TRP A 191 -3.27 -16.70 -14.73
CA TRP A 191 -3.24 -15.97 -15.98
C TRP A 191 -2.48 -16.73 -17.07
N LYS A 192 -1.35 -17.31 -16.69
CA LYS A 192 -0.54 -18.12 -17.58
C LYS A 192 -1.15 -19.49 -17.87
N SER A 193 -2.10 -19.87 -17.05
CA SER A 193 -2.76 -21.17 -17.14
C SER A 193 -3.74 -21.34 -18.30
N HIS A 194 -4.10 -20.24 -18.95
CA HIS A 194 -5.12 -20.27 -19.99
C HIS A 194 -4.60 -19.68 -21.28
N LYS A 195 -5.18 -20.08 -22.40
CA LYS A 195 -4.74 -19.56 -23.68
C LYS A 195 -5.21 -18.12 -23.88
N SER A 196 -6.35 -17.78 -23.28
CA SER A 196 -6.88 -16.43 -23.40
C SER A 196 -7.92 -16.11 -22.32
N TYR A 197 -8.14 -14.81 -22.10
CA TYR A 197 -9.22 -14.32 -21.25
C TYR A 197 -10.03 -13.30 -22.02
N SER A 198 -11.35 -13.33 -21.83
CA SER A 198 -12.23 -12.45 -22.60
C SER A 198 -13.14 -11.60 -21.72
N CYS A 199 -13.36 -10.36 -22.15
CA CYS A 199 -14.32 -9.48 -21.52
C CYS A 199 -15.56 -9.36 -22.41
N GLN A 200 -16.66 -9.99 -21.98
CA GLN A 200 -17.89 -9.97 -22.75
C GLN A 200 -18.91 -9.01 -22.14
N VAL A 201 -19.13 -7.88 -22.81
CA VAL A 201 -20.10 -6.89 -22.35
C VAL A 201 -21.29 -6.84 -23.30
N THR A 202 -22.48 -6.89 -22.73
CA THR A 202 -23.72 -6.92 -23.51
C THR A 202 -24.54 -5.66 -23.29
N HIS A 203 -24.88 -4.99 -24.38
CA HIS A 203 -25.62 -3.73 -24.31
C HIS A 203 -26.77 -3.68 -25.30
N GLU A 204 -27.99 -3.61 -24.78
CA GLU A 204 -29.20 -3.51 -25.58
C GLU A 204 -29.33 -4.63 -26.60
N GLY A 205 -29.14 -5.87 -26.14
CA GLY A 205 -29.34 -7.03 -26.99
C GLY A 205 -28.14 -7.44 -27.81
N SER A 206 -27.16 -6.53 -27.95
CA SER A 206 -25.96 -6.82 -28.71
C SER A 206 -24.74 -6.97 -27.79
N THR A 207 -23.71 -7.62 -28.31
CA THR A 207 -22.53 -7.92 -27.50
C THR A 207 -21.23 -7.44 -28.15
N VAL A 208 -20.39 -6.79 -27.34
CA VAL A 208 -19.03 -6.44 -27.77
C VAL A 208 -18.02 -7.20 -26.90
N GLU A 209 -17.28 -8.11 -27.52
CA GLU A 209 -16.38 -8.98 -26.77
C GLU A 209 -14.91 -8.75 -27.14
N LYS A 210 -14.08 -8.53 -26.14
CA LYS A 210 -12.65 -8.35 -26.34
C LYS A 210 -11.85 -9.49 -25.71
N THR A 211 -10.67 -9.75 -26.25
CA THR A 211 -9.87 -10.89 -25.79
C THR A 211 -8.39 -10.53 -25.70
N VAL A 212 -7.74 -11.03 -24.64
CA VAL A 212 -6.30 -10.90 -24.49
C VAL A 212 -5.67 -12.27 -24.25
N ALA A 213 -4.37 -12.37 -24.47
CA ALA A 213 -3.66 -13.64 -24.31
C ALA A 213 -2.25 -13.43 -23.77
N PRO A 214 -1.76 -14.40 -22.97
CA PRO A 214 -0.39 -14.37 -22.44
C PRO A 214 0.65 -14.28 -23.56
N THR A 215 1.57 -13.34 -23.44
CA THR A 215 2.62 -13.16 -24.45
C THR A 215 4.01 -13.26 -23.83
N GLN B 1 -13.51 38.50 -8.27
CA GLN B 1 -13.16 37.22 -8.87
C GLN B 1 -12.60 36.24 -7.85
N VAL B 2 -13.35 35.99 -6.78
CA VAL B 2 -12.91 35.01 -5.81
C VAL B 2 -12.89 33.61 -6.39
N GLN B 3 -11.84 32.87 -6.06
CA GLN B 3 -11.72 31.48 -6.43
C GLN B 3 -11.57 30.69 -5.14
N LEU B 4 -12.34 29.63 -4.98
CA LEU B 4 -12.31 28.89 -3.72
C LEU B 4 -11.75 27.49 -3.91
N GLN B 5 -10.75 27.13 -3.10
CA GLN B 5 -10.22 25.78 -3.10
C GLN B 5 -10.21 25.19 -1.70
N GLU B 6 -10.88 24.06 -1.53
CA GLU B 6 -10.92 23.36 -0.26
C GLU B 6 -9.69 22.48 -0.02
N SER B 7 -9.38 22.22 1.25
CA SER B 7 -8.36 21.25 1.62
C SER B 7 -8.81 20.50 2.86
N GLY B 8 -8.56 19.19 2.87
CA GLY B 8 -8.93 18.35 3.98
C GLY B 8 -7.95 17.21 4.22
N PRO B 9 -8.15 16.52 5.35
CA PRO B 9 -7.38 15.34 5.73
C PRO B 9 -7.58 14.15 4.80
N GLY B 10 -8.79 14.04 4.26
CA GLY B 10 -9.21 12.87 3.52
C GLY B 10 -9.79 11.80 4.42
N LEU B 11 -9.09 11.47 5.50
CA LEU B 11 -9.61 10.49 6.44
C LEU B 11 -9.63 11.00 7.88
N VAL B 12 -10.74 10.75 8.56
CA VAL B 12 -10.85 11.08 9.97
C VAL B 12 -11.25 9.84 10.76
N LYS B 13 -10.52 9.56 11.83
CA LYS B 13 -10.85 8.46 12.72
C LYS B 13 -12.08 8.79 13.55
N PRO B 14 -12.92 7.71 13.83
CA PRO B 14 -14.11 8.08 14.62
C PRO B 14 -13.79 8.61 16.00
N SER B 15 -14.52 9.64 16.41
CA SER B 15 -14.37 10.28 17.71
C SER B 15 -13.29 11.34 17.73
N GLU B 16 -12.61 11.50 16.61
CA GLU B 16 -11.61 12.55 16.45
C GLU B 16 -12.22 13.80 15.82
N THR B 17 -11.39 14.82 15.61
CA THR B 17 -11.88 16.09 15.09
C THR B 17 -11.59 16.27 13.61
N LEU B 18 -12.62 16.64 12.87
CA LEU B 18 -12.53 16.85 11.44
C LEU B 18 -12.20 18.30 11.19
N SER B 19 -11.16 18.55 10.41
CA SER B 19 -10.81 19.92 10.07
C SER B 19 -10.63 20.10 8.57
N VAL B 20 -11.34 21.05 7.99
CA VAL B 20 -11.14 21.39 6.58
C VAL B 20 -10.84 22.88 6.40
N THR B 21 -10.12 23.20 5.33
CA THR B 21 -9.70 24.56 5.05
C THR B 21 -10.07 24.98 3.64
N CYS B 22 -10.67 26.17 3.51
CA CYS B 22 -10.98 26.72 2.21
C CYS B 22 -10.01 27.84 1.86
N ILE B 23 -9.26 27.64 0.77
CA ILE B 23 -8.28 28.64 0.34
C ILE B 23 -8.89 29.63 -0.64
N VAL B 24 -8.91 30.90 -0.26
CA VAL B 24 -9.49 31.95 -1.08
C VAL B 24 -8.41 32.74 -1.80
N SER B 25 -8.54 32.84 -3.12
CA SER B 25 -7.59 33.58 -3.94
C SER B 25 -8.24 34.68 -4.76
N GLY B 26 -7.60 35.84 -4.79
CA GLY B 26 -7.99 36.93 -5.67
C GLY B 26 -9.07 37.84 -5.16
N GLY B 27 -9.53 37.60 -3.95
CA GLY B 27 -10.44 38.51 -3.29
C GLY B 27 -10.13 38.48 -1.82
N SER B 28 -10.41 39.56 -1.10
CA SER B 28 -10.23 39.57 0.34
C SER B 28 -11.31 38.77 1.05
N ILE B 29 -10.91 38.05 2.10
CA ILE B 29 -11.82 37.23 2.89
C ILE B 29 -12.88 38.07 3.60
N SER B 30 -12.46 39.24 4.07
CA SER B 30 -13.26 40.10 4.93
C SER B 30 -14.54 40.58 4.26
N ASN B 31 -14.48 40.76 2.94
CA ASN B 31 -15.55 41.36 2.17
C ASN B 31 -16.81 40.52 2.03
N TYR B 32 -16.72 39.23 2.34
CA TYR B 32 -17.82 38.30 2.10
C TYR B 32 -18.34 37.59 3.33
N TYR B 33 -19.62 37.25 3.30
CA TYR B 33 -20.17 36.26 4.20
C TYR B 33 -19.62 34.91 3.75
N TRP B 34 -19.37 34.00 4.67
CA TRP B 34 -18.87 32.68 4.30
C TRP B 34 -19.65 31.55 4.96
N THR B 35 -19.82 30.45 4.24
CA THR B 35 -20.57 29.30 4.73
C THR B 35 -20.01 27.95 4.31
N TRP B 36 -20.39 26.90 5.03
CA TRP B 36 -20.00 25.54 4.70
C TRP B 36 -21.20 24.62 4.46
N ILE B 37 -21.14 23.85 3.37
CA ILE B 37 -22.18 22.88 3.05
C ILE B 37 -21.60 21.50 2.80
N ARG B 38 -22.25 20.48 3.33
CA ARG B 38 -21.80 19.11 3.15
C ARG B 38 -22.88 18.25 2.51
N GLN B 39 -22.47 17.32 1.67
CA GLN B 39 -23.39 16.40 1.03
C GLN B 39 -22.96 14.98 1.32
N SER B 40 -23.93 14.17 1.73
CA SER B 40 -23.71 12.78 2.10
C SER B 40 -24.43 11.90 1.08
N PRO B 41 -23.92 10.61 0.92
CA PRO B 41 -24.50 9.91 -0.25
C PRO B 41 -26.01 9.71 -0.16
N GLY B 42 -26.48 9.29 1.00
CA GLY B 42 -27.87 8.96 1.18
C GLY B 42 -28.70 10.17 1.57
N LYS B 43 -28.04 11.31 1.68
CA LYS B 43 -28.68 12.51 2.18
C LYS B 43 -28.47 13.72 1.26
N GLY B 44 -29.38 14.67 1.37
CA GLY B 44 -29.36 15.88 0.58
C GLY B 44 -28.34 16.87 1.09
N LEU B 45 -28.12 17.94 0.33
CA LEU B 45 -27.18 18.96 0.74
C LEU B 45 -27.58 19.44 2.13
N GLU B 46 -26.59 19.58 3.00
CA GLU B 46 -26.82 19.92 4.38
C GLU B 46 -26.12 21.22 4.70
N TRP B 47 -26.82 22.14 5.35
CA TRP B 47 -26.23 23.44 5.62
C TRP B 47 -25.68 23.40 7.01
N ILE B 48 -24.37 23.63 7.14
CA ILE B 48 -23.70 23.53 8.43
C ILE B 48 -23.80 24.83 9.24
N GLY B 49 -23.45 25.94 8.60
CA GLY B 49 -23.50 27.23 9.25
C GLY B 49 -22.78 28.29 8.42
N TYR B 50 -22.87 29.53 8.86
CA TYR B 50 -22.22 30.63 8.14
C TYR B 50 -21.56 31.63 9.08
N ILE B 51 -20.58 32.34 8.55
CA ILE B 51 -19.90 33.40 9.28
C ILE B 51 -19.98 34.71 8.50
N SER B 52 -20.34 35.78 9.20
CA SER B 52 -20.48 37.10 8.61
C SER B 52 -19.14 37.80 8.39
N ASP B 53 -19.21 38.94 7.72
CA ASP B 53 -18.07 39.82 7.53
C ASP B 53 -17.61 40.39 8.87
N ARG B 54 -18.51 40.39 9.84
CA ARG B 54 -18.21 40.89 11.19
C ARG B 54 -17.73 39.78 12.12
N GLU B 55 -17.49 38.59 11.56
CA GLU B 55 -17.01 37.46 12.32
C GLU B 55 -18.09 36.83 13.19
N THR B 56 -19.34 37.12 12.86
CA THR B 56 -20.46 36.53 13.59
C THR B 56 -20.91 35.27 12.90
N THR B 57 -21.05 34.20 13.67
CA THR B 57 -21.36 32.90 13.12
C THR B 57 -22.68 32.36 13.63
N THR B 58 -23.47 31.79 12.74
CA THR B 58 -24.70 31.09 13.12
C THR B 58 -24.65 29.66 12.62
N TYR B 59 -24.87 28.70 13.51
CA TYR B 59 -24.76 27.30 13.14
C TYR B 59 -26.10 26.58 13.09
N ASN B 60 -26.17 25.52 12.30
CA ASN B 60 -27.34 24.65 12.27
C ASN B 60 -27.51 23.94 13.60
N PRO B 61 -28.71 24.04 14.20
CA PRO B 61 -29.03 23.39 15.47
C PRO B 61 -28.75 21.88 15.47
N SER B 62 -28.77 21.28 14.29
CA SER B 62 -28.46 19.86 14.16
C SER B 62 -26.98 19.60 14.36
N LEU B 63 -26.14 20.50 13.85
CA LEU B 63 -24.70 20.37 13.98
C LEU B 63 -24.13 21.31 15.04
N LYS B 64 -25.02 22.00 15.74
CA LYS B 64 -24.59 22.91 16.79
C LYS B 64 -23.97 22.11 17.92
N SER B 65 -22.95 22.69 18.53
CA SER B 65 -22.25 22.08 19.65
C SER B 65 -21.21 21.06 19.19
N ARG B 66 -21.10 20.87 17.89
CA ARG B 66 -20.04 20.05 17.33
C ARG B 66 -19.21 20.81 16.33
N VAL B 67 -19.60 22.04 16.03
CA VAL B 67 -18.98 22.78 14.94
C VAL B 67 -18.39 24.11 15.36
N VAL B 68 -17.26 24.44 14.74
CA VAL B 68 -16.70 25.77 14.80
C VAL B 68 -16.34 26.25 13.40
N ILE B 69 -16.74 27.45 13.06
CA ILE B 69 -16.32 28.07 11.82
C ILE B 69 -15.54 29.33 12.16
N SER B 70 -14.37 29.46 11.57
CA SER B 70 -13.48 30.55 11.89
C SER B 70 -12.85 31.12 10.64
N ARG B 71 -12.37 32.35 10.75
CA ARG B 71 -11.76 33.05 9.64
C ARG B 71 -10.34 33.46 9.98
N ASP B 72 -9.41 33.22 9.06
CA ASP B 72 -8.05 33.71 9.20
C ASP B 72 -7.74 34.71 8.11
N THR B 73 -7.67 35.99 8.46
CA THR B 73 -7.40 37.04 7.49
C THR B 73 -5.99 37.00 6.89
N SER B 74 -5.02 36.67 7.72
CA SER B 74 -3.63 36.65 7.31
C SER B 74 -3.34 35.64 6.20
N LYS B 75 -3.91 34.46 6.34
CA LYS B 75 -3.76 33.42 5.34
C LYS B 75 -4.86 33.52 4.31
N ASN B 76 -5.80 34.43 4.54
CA ASN B 76 -6.92 34.62 3.64
C ASN B 76 -7.67 33.32 3.43
N GLN B 77 -7.85 32.56 4.48
CA GLN B 77 -8.49 31.26 4.36
C GLN B 77 -9.56 31.07 5.41
N LEU B 78 -10.50 30.20 5.12
CA LEU B 78 -11.58 29.94 6.07
C LEU B 78 -11.45 28.55 6.67
N SER B 79 -12.06 28.35 7.83
CA SER B 79 -11.91 27.08 8.53
C SER B 79 -13.24 26.48 8.96
N LEU B 80 -13.26 25.15 9.07
CA LEU B 80 -14.42 24.44 9.59
C LEU B 80 -13.95 23.21 10.37
N LYS B 81 -14.33 23.14 11.63
CA LYS B 81 -13.95 22.01 12.47
C LYS B 81 -15.18 21.29 13.01
N LEU B 82 -15.11 19.97 13.04
CA LEU B 82 -16.24 19.14 13.46
C LEU B 82 -15.81 18.14 14.53
N ASN B 83 -16.26 18.38 15.76
CA ASN B 83 -15.84 17.58 16.91
C ASN B 83 -16.58 16.26 17.03
N SER B 84 -15.85 15.22 17.48
CA SER B 84 -16.42 13.91 17.77
C SER B 84 -17.25 13.35 16.61
N VAL B 85 -16.59 13.15 15.48
CA VAL B 85 -17.24 12.64 14.26
C VAL B 85 -17.62 11.17 14.28
N THR B 86 -18.51 10.82 13.38
CA THR B 86 -18.97 9.44 13.20
C THR B 86 -19.24 9.24 11.72
N ALA B 87 -19.59 8.01 11.35
CA ALA B 87 -19.75 7.66 9.95
C ALA B 87 -20.82 8.52 9.31
N ALA B 88 -21.74 9.06 10.12
CA ALA B 88 -22.76 9.94 9.63
C ALA B 88 -22.09 11.17 9.03
N ASP B 89 -20.88 11.44 9.49
CA ASP B 89 -20.14 12.62 9.05
C ASP B 89 -19.36 12.44 7.75
N THR B 90 -19.40 11.26 7.15
CA THR B 90 -18.72 11.07 5.87
C THR B 90 -19.51 11.77 4.78
N ALA B 91 -18.87 12.72 4.12
CA ALA B 91 -19.53 13.57 3.15
C ALA B 91 -18.51 14.33 2.32
N ILE B 92 -18.96 14.99 1.26
CA ILE B 92 -18.13 15.93 0.53
C ILE B 92 -18.44 17.31 1.08
N TYR B 93 -17.41 18.06 1.46
CA TYR B 93 -17.59 19.34 2.13
C TYR B 93 -17.28 20.51 1.22
N TYR B 94 -18.25 21.39 1.05
CA TYR B 94 -18.10 22.56 0.20
C TYR B 94 -18.04 23.85 1.01
N CYS B 95 -17.19 24.78 0.60
CA CYS B 95 -17.22 26.13 1.15
C CYS B 95 -17.72 27.07 0.05
N ALA B 96 -18.49 28.08 0.44
CA ALA B 96 -19.09 28.97 -0.54
C ALA B 96 -19.31 30.37 0.00
N THR B 97 -19.09 31.37 -0.84
CA THR B 97 -19.39 32.74 -0.49
C THR B 97 -20.89 32.91 -0.39
N ALA B 98 -21.33 33.77 0.52
CA ALA B 98 -22.74 33.94 0.73
C ALA B 98 -23.17 35.39 0.62
N ARG B 99 -24.39 35.58 0.14
CA ARG B 99 -24.96 36.90 -0.02
C ARG B 99 -26.17 36.99 0.88
N ARG B 100 -26.34 38.14 1.51
CA ARG B 100 -27.51 38.36 2.36
C ARG B 100 -28.48 39.30 1.66
N GLY B 101 -29.74 38.91 1.66
CA GLY B 101 -30.77 39.73 1.07
C GLY B 101 -31.84 39.99 2.10
N GLN B 102 -32.40 41.20 2.07
CA GLN B 102 -33.49 41.55 2.96
C GLN B 102 -34.76 41.76 2.17
N ARG B 103 -35.83 41.06 2.56
CA ARG B 103 -37.11 41.25 1.94
C ARG B 103 -38.06 41.85 2.96
N ILE B 104 -38.59 43.02 2.66
CA ILE B 104 -39.47 43.70 3.60
C ILE B 104 -40.87 43.59 3.09
N TYR B 105 -41.72 42.91 3.83
CA TYR B 105 -43.11 42.78 3.44
C TYR B 105 -43.95 43.87 4.08
N GLY B 106 -43.37 44.56 5.05
CA GLY B 106 -44.08 45.59 5.79
C GLY B 106 -43.35 46.91 5.89
N VAL B 107 -43.11 47.34 7.13
CA VAL B 107 -42.37 48.56 7.40
C VAL B 107 -41.10 48.16 8.12
N VAL B 108 -39.97 48.74 7.75
CA VAL B 108 -38.71 48.31 8.34
C VAL B 108 -38.76 48.56 9.84
N SER B 109 -39.30 49.72 10.20
CA SER B 109 -39.56 49.99 11.60
C SER B 109 -40.64 48.99 11.96
N PHE B 110 -40.60 48.49 13.19
CA PHE B 110 -41.54 47.48 13.66
C PHE B 110 -41.07 46.10 13.20
N GLY B 111 -39.92 46.06 12.55
CA GLY B 111 -39.33 44.81 12.13
C GLY B 111 -40.18 43.93 11.23
N GLU B 112 -40.91 44.54 10.30
CA GLU B 112 -41.67 43.76 9.33
C GLU B 112 -40.76 43.42 8.16
N PHE B 113 -39.80 42.54 8.41
CA PHE B 113 -38.84 42.15 7.39
C PHE B 113 -38.21 40.82 7.77
N PHE B 114 -37.52 40.20 6.83
CA PHE B 114 -36.73 39.02 7.12
C PHE B 114 -35.54 38.90 6.17
N TYR B 115 -34.44 38.34 6.68
CA TYR B 115 -33.23 38.15 5.88
C TYR B 115 -33.24 36.78 5.22
N TYR B 116 -32.61 36.69 4.05
CA TYR B 116 -32.40 35.41 3.39
C TYR B 116 -30.98 35.34 2.82
N TYR B 117 -30.45 34.13 2.73
CA TYR B 117 -29.07 33.94 2.30
C TYR B 117 -28.99 32.98 1.11
N TYR B 118 -28.17 33.33 0.13
CA TYR B 118 -27.95 32.47 -1.01
C TYR B 118 -26.48 32.49 -1.42
N MET B 119 -26.00 31.37 -1.96
CA MET B 119 -24.58 31.22 -2.25
C MET B 119 -24.27 31.32 -3.73
N ASP B 120 -23.68 32.43 -4.14
CA ASP B 120 -23.25 32.62 -5.53
C ASP B 120 -22.08 31.78 -6.03
N VAL B 121 -21.04 31.65 -5.21
CA VAL B 121 -19.81 31.01 -5.63
C VAL B 121 -19.45 29.82 -4.79
N TRP B 122 -19.10 28.72 -5.43
CA TRP B 122 -18.81 27.49 -4.73
C TRP B 122 -17.41 27.00 -5.05
N GLY B 123 -16.79 26.36 -4.07
CA GLY B 123 -15.54 25.64 -4.25
C GLY B 123 -15.78 24.27 -4.85
N LYS B 124 -14.72 23.61 -5.28
CA LYS B 124 -14.79 22.24 -5.80
C LYS B 124 -15.28 21.26 -4.75
N GLY B 125 -15.01 21.56 -3.49
CA GLY B 125 -15.31 20.67 -2.38
C GLY B 125 -14.20 19.67 -2.10
N THR B 126 -14.21 19.11 -0.89
CA THR B 126 -13.24 18.10 -0.52
C THR B 126 -13.92 16.88 0.12
N ALA B 127 -13.45 15.70 -0.25
CA ALA B 127 -14.04 14.45 0.22
C ALA B 127 -13.44 14.01 1.55
N VAL B 128 -14.31 13.74 2.52
CA VAL B 128 -13.87 13.29 3.84
C VAL B 128 -14.56 11.98 4.22
N THR B 129 -13.77 10.96 4.50
CA THR B 129 -14.31 9.67 4.90
C THR B 129 -13.97 9.36 6.36
N VAL B 130 -14.97 9.07 7.16
CA VAL B 130 -14.73 8.78 8.55
C VAL B 130 -14.65 7.29 8.71
N SER B 131 -13.49 6.78 9.11
CA SER B 131 -13.28 5.34 9.23
C SER B 131 -12.28 4.93 10.30
N SER B 132 -12.48 3.75 10.86
CA SER B 132 -11.51 3.14 11.74
C SER B 132 -10.23 2.80 11.02
N ALA B 133 -10.36 2.38 9.77
CA ALA B 133 -9.26 1.90 8.94
C ALA B 133 -8.23 2.97 8.58
N SER B 134 -6.99 2.53 8.44
CA SER B 134 -5.89 3.38 8.02
C SER B 134 -5.89 3.73 6.53
N THR B 135 -5.31 4.88 6.19
CA THR B 135 -5.14 5.27 4.80
C THR B 135 -4.13 4.37 4.09
N LYS B 136 -4.43 4.01 2.86
CA LYS B 136 -3.53 3.16 2.08
C LYS B 136 -3.22 3.78 0.72
N GLY B 137 -1.93 3.90 0.42
CA GLY B 137 -1.48 4.41 -0.85
C GLY B 137 -1.75 3.44 -1.98
N PRO B 138 -2.04 4.02 -3.23
CA PRO B 138 -2.26 3.03 -4.30
C PRO B 138 -0.98 2.54 -4.97
N SER B 139 -1.02 1.37 -5.58
CA SER B 139 0.11 0.88 -6.36
C SER B 139 -0.19 1.10 -7.83
N VAL B 140 0.75 1.70 -8.55
CA VAL B 140 0.50 2.15 -9.91
C VAL B 140 1.18 1.28 -10.95
N PHE B 141 0.38 0.65 -11.81
CA PHE B 141 0.89 -0.18 -12.89
C PHE B 141 0.53 0.41 -14.24
N PRO B 142 1.47 0.40 -15.19
CA PRO B 142 1.22 0.91 -16.54
C PRO B 142 0.32 -0.01 -17.35
N LEU B 143 -0.46 0.57 -18.26
CA LEU B 143 -1.28 -0.20 -19.19
C LEU B 143 -0.76 -0.01 -20.61
N ALA B 144 0.11 -0.92 -21.03
CA ALA B 144 0.82 -0.79 -22.30
C ALA B 144 -0.11 -0.82 -23.50
N PRO B 145 0.22 0.02 -24.47
CA PRO B 145 -0.50 0.12 -25.73
C PRO B 145 -0.24 -1.12 -26.55
N SER B 146 -1.20 -1.48 -27.39
CA SER B 146 -1.06 -2.69 -28.18
C SER B 146 0.13 -2.60 -29.14
N SER B 147 0.34 -1.42 -29.69
CA SER B 147 1.25 -1.19 -30.81
C SER B 147 0.48 -1.46 -32.10
N LYS B 148 1.13 -1.36 -33.25
CA LYS B 148 0.38 -1.42 -34.50
C LYS B 148 -0.30 -2.78 -34.64
N SER B 149 -1.40 -2.84 -35.39
CA SER B 149 -2.02 -1.68 -36.03
C SER B 149 -3.54 -1.80 -36.01
N THR B 150 -4.23 -0.67 -36.00
CA THR B 150 -5.68 -0.67 -35.93
C THR B 150 -6.36 0.01 -37.11
N SER B 151 -5.57 0.46 -38.07
CA SER B 151 -6.12 0.97 -39.32
C SER B 151 -6.65 2.36 -39.08
N GLY B 152 -6.51 2.79 -37.84
CA GLY B 152 -6.68 4.17 -37.45
C GLY B 152 -5.50 4.38 -36.54
N GLY B 153 -4.80 5.50 -36.65
CA GLY B 153 -3.56 5.63 -35.92
C GLY B 153 -3.86 6.01 -34.50
N THR B 154 -4.58 5.13 -33.82
CA THR B 154 -4.90 5.29 -32.42
C THR B 154 -4.69 3.99 -31.69
N ALA B 155 -4.19 4.09 -30.47
CA ALA B 155 -4.01 2.94 -29.62
C ALA B 155 -4.45 3.37 -28.24
N ALA B 156 -4.83 2.42 -27.40
CA ALA B 156 -5.27 2.75 -26.07
C ALA B 156 -4.15 2.57 -25.06
N LEU B 157 -3.90 3.62 -24.29
CA LEU B 157 -2.78 3.68 -23.37
C LEU B 157 -3.23 4.27 -22.03
N GLY B 158 -2.87 3.61 -20.94
CA GLY B 158 -3.31 4.05 -19.63
C GLY B 158 -2.48 3.65 -18.43
N CYS B 159 -3.01 3.95 -17.24
CA CYS B 159 -2.37 3.59 -15.98
C CYS B 159 -3.38 2.99 -15.02
N LEU B 160 -3.00 1.93 -14.32
CA LEU B 160 -3.90 1.31 -13.37
C LEU B 160 -3.54 1.71 -11.95
N VAL B 161 -4.50 2.26 -11.23
CA VAL B 161 -4.28 2.68 -9.85
C VAL B 161 -5.04 1.75 -8.94
N LYS B 162 -4.31 1.04 -8.10
CA LYS B 162 -4.87 -0.11 -7.41
C LYS B 162 -4.81 -0.04 -5.90
N ASP B 163 -5.88 -0.52 -5.27
CA ASP B 163 -5.92 -0.73 -3.82
C ASP B 163 -5.59 0.48 -2.94
N TYR B 164 -6.25 1.59 -3.18
CA TYR B 164 -6.08 2.79 -2.36
C TYR B 164 -7.30 3.08 -1.51
N PHE B 165 -7.09 3.69 -0.37
CA PHE B 165 -8.16 4.17 0.50
C PHE B 165 -7.63 5.39 1.26
N PRO B 166 -8.51 6.45 1.59
CA PRO B 166 -9.79 6.47 0.89
C PRO B 166 -9.71 7.31 -0.38
N GLU B 167 -10.86 7.66 -0.93
CA GLU B 167 -10.97 8.57 -2.07
C GLU B 167 -10.61 10.02 -1.69
N PRO B 168 -10.15 10.92 -2.67
CA PRO B 168 -10.08 10.42 -4.05
C PRO B 168 -8.67 10.43 -4.63
N VAL B 169 -8.51 9.88 -5.82
CA VAL B 169 -7.24 9.94 -6.53
C VAL B 169 -7.34 10.84 -7.75
N THR B 170 -6.35 11.71 -7.92
CA THR B 170 -6.30 12.62 -9.06
C THR B 170 -5.20 12.20 -10.01
N VAL B 171 -5.54 12.04 -11.29
CA VAL B 171 -4.58 11.58 -12.28
C VAL B 171 -4.43 12.54 -13.45
N SER B 172 -3.19 12.86 -13.82
CA SER B 172 -2.93 13.69 -14.98
C SER B 172 -1.83 13.06 -15.84
N TRP B 173 -1.72 13.51 -17.07
CA TRP B 173 -0.75 12.95 -18.01
C TRP B 173 0.24 13.99 -18.49
N ASN B 174 1.52 13.62 -18.45
CA ASN B 174 2.56 14.54 -18.91
C ASN B 174 2.54 15.85 -18.16
N SER B 175 2.31 15.78 -16.86
CA SER B 175 2.32 16.95 -16.01
C SER B 175 1.27 17.96 -16.44
N GLY B 176 0.13 17.47 -16.89
CA GLY B 176 -0.97 18.31 -17.32
C GLY B 176 -0.79 18.77 -18.74
N ALA B 177 0.30 18.31 -19.36
CA ALA B 177 0.58 18.64 -20.76
C ALA B 177 -0.45 18.09 -21.73
N LEU B 178 -0.85 16.84 -21.52
CA LEU B 178 -1.76 16.19 -22.45
C LEU B 178 -3.13 15.99 -21.84
N THR B 179 -4.14 16.61 -22.42
CA THR B 179 -5.49 16.46 -21.93
C THR B 179 -6.47 15.89 -22.94
N SER B 180 -6.08 15.88 -24.22
CA SER B 180 -7.05 15.69 -25.27
C SER B 180 -7.77 14.34 -25.27
N GLY B 181 -7.01 13.27 -25.12
CA GLY B 181 -7.59 11.95 -25.24
C GLY B 181 -7.88 11.27 -23.92
N VAL B 182 -7.61 11.97 -22.84
CA VAL B 182 -7.67 11.36 -21.52
C VAL B 182 -9.08 11.08 -21.07
N HIS B 183 -9.29 9.86 -20.59
CA HIS B 183 -10.49 9.51 -19.87
C HIS B 183 -10.08 8.81 -18.59
N THR B 184 -10.37 9.42 -17.47
CA THR B 184 -10.18 8.77 -16.18
C THR B 184 -11.51 8.24 -15.66
N PHE B 185 -11.57 6.92 -15.44
CA PHE B 185 -12.81 6.27 -15.04
C PHE B 185 -13.05 6.36 -13.53
N PRO B 186 -14.33 6.39 -13.13
CA PRO B 186 -14.70 6.32 -11.71
C PRO B 186 -14.12 5.07 -11.05
N ALA B 187 -13.87 5.14 -9.75
CA ALA B 187 -13.28 4.03 -9.03
C ALA B 187 -14.29 2.94 -8.74
N VAL B 188 -13.79 1.75 -8.44
CA VAL B 188 -14.64 0.65 -8.03
C VAL B 188 -14.34 0.31 -6.58
N LEU B 189 -15.39 0.05 -5.81
CA LEU B 189 -15.21 -0.33 -4.43
C LEU B 189 -15.24 -1.84 -4.30
N GLN B 190 -14.11 -2.41 -3.95
CA GLN B 190 -13.96 -3.86 -3.84
C GLN B 190 -14.46 -4.43 -2.52
N SER B 191 -14.50 -5.75 -2.45
CA SER B 191 -14.90 -6.47 -1.26
C SER B 191 -13.96 -6.12 -0.11
N SER B 192 -12.71 -5.88 -0.45
CA SER B 192 -11.70 -5.48 0.51
C SER B 192 -12.06 -4.15 1.15
N GLY B 193 -12.71 -3.30 0.39
CA GLY B 193 -13.07 -1.95 0.82
C GLY B 193 -12.11 -0.92 0.30
N LEU B 194 -11.07 -1.36 -0.38
CA LEU B 194 -10.19 -0.48 -1.11
C LEU B 194 -10.78 -0.09 -2.46
N TYR B 195 -10.28 0.99 -3.05
CA TYR B 195 -10.77 1.49 -4.32
C TYR B 195 -9.71 1.30 -5.42
N SER B 196 -10.16 1.10 -6.65
CA SER B 196 -9.28 1.10 -7.81
C SER B 196 -9.90 1.88 -8.97
N LEU B 197 -9.06 2.55 -9.76
CA LEU B 197 -9.53 3.19 -10.98
C LEU B 197 -8.46 3.13 -12.06
N SER B 198 -8.81 3.64 -13.24
CA SER B 198 -7.87 3.68 -14.36
C SER B 198 -8.04 4.98 -15.14
N SER B 199 -6.93 5.47 -15.68
CA SER B 199 -6.96 6.63 -16.56
C SER B 199 -6.38 6.25 -17.91
N VAL B 200 -7.13 6.51 -18.99
CA VAL B 200 -6.72 6.10 -20.31
C VAL B 200 -6.78 7.24 -21.32
N VAL B 201 -5.76 7.34 -22.16
CA VAL B 201 -5.73 8.34 -23.20
C VAL B 201 -5.61 7.64 -24.54
N THR B 202 -6.16 8.27 -25.57
CA THR B 202 -6.06 7.72 -26.92
C THR B 202 -4.99 8.49 -27.66
N VAL B 203 -4.03 7.77 -28.23
CA VAL B 203 -2.89 8.38 -28.87
C VAL B 203 -2.58 7.76 -30.22
N PRO B 204 -1.83 8.56 -31.10
CA PRO B 204 -1.54 7.91 -32.39
C PRO B 204 -0.60 6.72 -32.26
N SER B 205 -0.74 5.75 -33.16
CA SER B 205 0.14 4.60 -33.18
C SER B 205 1.59 4.95 -33.49
N SER B 206 1.79 5.86 -34.43
CA SER B 206 3.12 6.21 -34.91
C SER B 206 4.02 6.82 -33.84
N SER B 207 3.43 7.64 -33.00
CA SER B 207 4.13 8.34 -31.92
C SER B 207 4.68 7.44 -30.83
N LEU B 208 4.13 6.25 -30.68
CA LEU B 208 4.25 5.49 -29.45
C LEU B 208 5.68 5.19 -29.08
N GLY B 209 6.51 4.83 -30.04
CA GLY B 209 7.90 4.53 -29.76
C GLY B 209 8.73 5.69 -29.24
N THR B 210 8.56 6.86 -29.85
CA THR B 210 9.34 8.03 -29.48
C THR B 210 8.68 9.00 -28.50
N GLN B 211 7.36 8.94 -28.42
CA GLN B 211 6.60 9.87 -27.58
C GLN B 211 6.74 9.59 -26.08
N THR B 212 6.53 10.63 -25.29
CA THR B 212 6.60 10.50 -23.84
C THR B 212 5.20 10.49 -23.24
N TYR B 213 4.87 9.41 -22.54
CA TYR B 213 3.62 9.35 -21.78
C TYR B 213 3.85 8.94 -20.33
N ILE B 214 3.56 9.86 -19.42
CA ILE B 214 3.70 9.58 -18.00
C ILE B 214 2.41 9.92 -17.31
N CYS B 215 1.93 9.01 -16.47
CA CYS B 215 0.70 9.27 -15.73
C CYS B 215 1.05 9.74 -14.34
N ASN B 216 0.49 10.89 -13.97
CA ASN B 216 0.78 11.47 -12.68
C ASN B 216 -0.36 11.18 -11.73
N VAL B 217 -0.08 10.44 -10.68
CA VAL B 217 -1.11 10.00 -9.77
C VAL B 217 -0.98 10.71 -8.44
N ASN B 218 -2.03 11.39 -8.03
CA ASN B 218 -2.03 12.06 -6.74
C ASN B 218 -3.07 11.49 -5.79
N HIS B 219 -2.62 10.99 -4.64
CA HIS B 219 -3.52 10.56 -3.60
C HIS B 219 -3.17 11.32 -2.33
N LYS B 220 -3.88 12.41 -2.09
CA LYS B 220 -3.56 13.32 -1.00
C LYS B 220 -3.70 12.66 0.36
N PRO B 221 -4.80 11.80 0.49
CA PRO B 221 -4.91 11.19 1.83
C PRO B 221 -3.72 10.32 2.24
N SER B 222 -3.11 9.61 1.30
CA SER B 222 -2.13 8.57 1.62
C SER B 222 -0.81 8.96 2.35
N ASN B 223 -0.14 10.04 1.99
CA ASN B 223 -0.41 10.84 0.82
C ASN B 223 0.62 10.45 -0.21
N THR B 224 0.17 9.90 -1.33
CA THR B 224 1.08 9.33 -2.30
C THR B 224 1.05 10.02 -3.64
N LYS B 225 2.22 10.39 -4.12
CA LYS B 225 2.38 10.86 -5.48
C LYS B 225 3.29 9.85 -6.17
N VAL B 226 2.78 9.24 -7.23
CA VAL B 226 3.58 8.32 -8.02
C VAL B 226 3.48 8.71 -9.47
N ASP B 227 4.62 8.81 -10.13
CA ASP B 227 4.61 9.05 -11.56
C ASP B 227 5.12 7.78 -12.19
N LYS B 228 4.34 7.22 -13.10
CA LYS B 228 4.73 6.01 -13.79
C LYS B 228 4.78 6.22 -15.30
N LYS B 229 5.84 5.72 -15.93
CA LYS B 229 6.01 5.86 -17.37
C LYS B 229 5.42 4.67 -18.11
N VAL B 230 4.68 4.94 -19.19
CA VAL B 230 4.03 3.89 -19.96
C VAL B 230 4.72 3.65 -21.30
N GLU B 231 5.06 2.40 -21.56
CA GLU B 231 5.72 2.02 -22.82
C GLU B 231 5.04 0.79 -23.43
N PRO B 232 5.10 0.68 -24.77
CA PRO B 232 4.54 -0.47 -25.48
C PRO B 232 5.12 -1.81 -25.01
N TYR C 6 13.90 -30.00 18.63
CA TYR C 6 14.89 -30.45 17.65
C TYR C 6 16.25 -29.87 17.98
N VAL C 7 16.32 -29.07 19.03
CA VAL C 7 17.53 -28.34 19.37
C VAL C 7 18.08 -28.81 20.71
N ARG C 8 19.37 -29.09 20.76
CA ARG C 8 20.00 -29.45 22.02
C ARG C 8 20.85 -28.27 22.49
N PRO C 9 20.45 -27.68 23.70
CA PRO C 9 21.22 -26.46 24.03
C PRO C 9 22.53 -26.73 24.74
N LEU C 10 23.59 -26.05 24.34
CA LEU C 10 24.88 -26.17 24.96
C LEU C 10 25.45 -24.80 25.34
N SER C 11 25.93 -24.68 26.57
CA SER C 11 26.53 -23.44 27.04
C SER C 11 28.03 -23.62 27.27
N VAL C 12 28.83 -22.75 26.67
CA VAL C 12 30.28 -22.81 26.83
C VAL C 12 30.82 -21.46 27.28
N ALA C 13 31.74 -21.50 28.24
CA ALA C 13 32.40 -20.29 28.70
C ALA C 13 33.33 -19.71 27.65
N LEU C 14 33.41 -18.39 27.61
CA LEU C 14 34.20 -17.73 26.60
C LEU C 14 35.67 -18.09 26.75
N GLY C 15 36.30 -18.43 25.64
CA GLY C 15 37.69 -18.84 25.61
C GLY C 15 37.92 -20.29 25.97
N GLU C 16 36.86 -21.04 26.24
CA GLU C 16 36.99 -22.43 26.59
C GLU C 16 36.84 -23.33 25.38
N THR C 17 37.17 -24.60 25.53
CA THR C 17 37.02 -25.56 24.44
C THR C 17 35.64 -26.21 24.45
N ALA C 18 34.90 -26.06 23.36
CA ALA C 18 33.59 -26.67 23.22
C ALA C 18 33.71 -28.06 22.59
N SER C 19 32.96 -29.01 23.14
CA SER C 19 32.98 -30.37 22.63
C SER C 19 31.56 -30.84 22.28
N ILE C 20 31.23 -30.81 20.99
CA ILE C 20 29.90 -31.16 20.54
C ILE C 20 29.84 -32.59 19.98
N SER C 21 29.09 -33.46 20.64
CA SER C 21 28.94 -34.83 20.20
C SER C 21 27.96 -34.92 19.03
N CYS C 22 28.20 -35.86 18.12
CA CYS C 22 27.29 -36.09 17.00
C CYS C 22 26.03 -36.78 17.48
N GLY C 23 24.91 -36.43 16.87
CA GLY C 23 23.63 -37.00 17.24
C GLY C 23 23.51 -38.49 17.05
N ARG C 24 24.07 -39.01 15.97
CA ARG C 24 24.03 -40.43 15.73
C ARG C 24 25.43 -40.99 15.84
N GLN C 25 25.61 -41.91 16.78
CA GLN C 25 26.87 -42.59 16.95
C GLN C 25 27.04 -43.56 15.80
N ALA C 26 28.27 -43.72 15.31
CA ALA C 26 28.48 -44.48 14.09
C ALA C 26 29.16 -45.82 14.28
N LEU C 27 28.48 -46.85 13.78
CA LEU C 27 28.94 -48.24 13.82
C LEU C 27 30.20 -48.60 13.05
N GLY C 28 30.32 -48.09 11.83
CA GLY C 28 31.33 -48.53 10.89
C GLY C 28 32.24 -47.41 10.46
N SER C 29 33.04 -47.65 9.43
CA SER C 29 33.83 -46.58 8.87
C SER C 29 32.82 -45.57 8.36
N ARG C 30 33.11 -44.30 8.60
CA ARG C 30 32.12 -43.24 8.45
C ARG C 30 32.71 -42.04 7.74
N ALA C 31 31.85 -41.22 7.17
CA ALA C 31 32.25 -39.89 6.77
C ALA C 31 31.37 -38.89 7.51
N VAL C 32 31.98 -38.09 8.37
CA VAL C 32 31.23 -37.08 9.12
C VAL C 32 31.40 -35.67 8.56
N GLN C 33 30.29 -34.95 8.45
CA GLN C 33 30.32 -33.54 8.09
C GLN C 33 29.78 -32.68 9.22
N TRP C 34 30.34 -31.50 9.35
CA TRP C 34 29.87 -30.54 10.35
C TRP C 34 29.48 -29.23 9.69
N TYR C 35 28.28 -28.75 10.00
CA TYR C 35 27.80 -27.50 9.44
C TYR C 35 27.52 -26.49 10.53
N GLN C 36 28.01 -25.27 10.32
CA GLN C 36 27.74 -24.19 11.25
C GLN C 36 26.63 -23.32 10.66
N HIS C 37 25.53 -23.17 11.37
CA HIS C 37 24.43 -22.38 10.86
C HIS C 37 23.96 -21.28 11.80
N ARG C 38 23.97 -20.05 11.32
CA ARG C 38 23.37 -18.98 12.09
C ARG C 38 22.06 -18.64 11.39
N PRO C 39 20.90 -18.91 12.13
CA PRO C 39 19.67 -18.76 11.34
C PRO C 39 19.47 -17.37 10.79
N GLY C 40 18.94 -17.31 9.58
CA GLY C 40 18.88 -16.10 8.78
C GLY C 40 20.07 -15.94 7.85
N GLN C 41 21.05 -16.83 8.01
CA GLN C 41 22.24 -16.81 7.19
C GLN C 41 22.53 -18.20 6.65
N ALA C 42 23.30 -18.27 5.59
CA ALA C 42 23.64 -19.55 4.99
C ALA C 42 24.52 -20.40 5.87
N PRO C 43 24.25 -21.77 5.80
CA PRO C 43 25.16 -22.60 6.61
C PRO C 43 26.60 -22.58 6.11
N ILE C 44 27.53 -22.82 7.02
CA ILE C 44 28.94 -22.92 6.69
C ILE C 44 29.48 -24.32 7.00
N LEU C 45 30.16 -24.91 6.03
CA LEU C 45 30.82 -26.21 6.19
C LEU C 45 32.09 -26.07 7.02
N LEU C 46 32.14 -26.73 8.17
CA LEU C 46 33.32 -26.71 9.00
C LEU C 46 34.23 -27.90 8.75
N ILE C 47 33.63 -29.09 8.73
CA ILE C 47 34.39 -30.30 8.52
C ILE C 47 33.72 -31.25 7.54
N TYR C 48 34.52 -31.81 6.65
CA TYR C 48 34.07 -32.91 5.81
C TYR C 48 35.10 -34.00 5.87
N ASN C 49 34.69 -35.23 5.56
CA ASN C 49 35.60 -36.35 5.60
C ASN C 49 36.15 -36.56 7.00
N ASN C 50 35.31 -36.31 8.00
CA ASN C 50 35.67 -36.55 9.38
C ASN C 50 36.63 -35.55 10.01
N GLN C 51 37.80 -35.39 9.42
CA GLN C 51 38.79 -34.49 9.98
C GLN C 51 39.17 -33.39 9.03
N ASP C 52 38.69 -33.48 7.81
CA ASP C 52 39.07 -32.55 6.78
C ASP C 52 38.45 -31.18 6.94
N ARG C 53 39.21 -30.15 6.61
CA ARG C 53 38.75 -28.79 6.72
C ARG C 53 38.71 -28.09 5.39
N PRO C 54 37.51 -27.41 5.11
CA PRO C 54 37.59 -26.58 3.90
C PRO C 54 38.45 -25.34 4.10
N SER C 55 38.88 -24.76 2.99
CA SER C 55 39.77 -23.62 3.02
C SER C 55 39.11 -22.44 3.72
N GLY C 56 39.90 -21.66 4.43
CA GLY C 56 39.39 -20.50 5.15
C GLY C 56 38.78 -20.88 6.48
N ILE C 57 38.86 -22.15 6.81
CA ILE C 57 38.33 -22.60 8.09
C ILE C 57 39.44 -22.76 9.11
N PRO C 58 39.15 -22.22 10.37
CA PRO C 58 40.29 -22.24 11.30
C PRO C 58 40.69 -23.62 11.79
N GLU C 59 41.93 -23.68 12.27
CA GLU C 59 42.52 -24.83 12.95
C GLU C 59 41.81 -25.18 14.25
N ARG C 60 41.29 -24.18 14.95
CA ARG C 60 40.61 -24.41 16.21
C ARG C 60 39.35 -25.25 16.05
N PHE C 61 38.84 -25.32 14.83
CA PHE C 61 37.75 -26.22 14.54
C PHE C 61 38.33 -27.53 14.06
N SER C 62 37.96 -28.62 14.70
CA SER C 62 38.43 -29.93 14.27
C SER C 62 37.51 -31.07 14.68
N GLY C 63 37.55 -32.15 13.92
CA GLY C 63 36.73 -33.31 14.19
C GLY C 63 37.57 -34.50 14.54
N THR C 64 36.93 -35.55 15.05
CA THR C 64 37.69 -36.73 15.44
C THR C 64 37.91 -37.61 14.24
N PRO C 65 39.25 -37.89 13.94
CA PRO C 65 39.43 -38.71 12.73
C PRO C 65 38.84 -40.09 12.90
N ASP C 66 38.41 -40.69 11.80
CA ASP C 66 37.79 -41.99 11.85
C ASP C 66 38.90 -43.03 11.93
N ILE C 67 39.51 -43.12 13.10
CA ILE C 67 40.65 -43.98 13.31
C ILE C 67 40.23 -45.15 14.17
N ASN C 68 40.52 -46.35 13.70
CA ASN C 68 40.17 -47.54 14.43
C ASN C 68 38.67 -47.59 14.66
N ARG C 72 35.35 -39.92 19.01
CA ARG C 72 34.38 -40.60 18.17
C ARG C 72 33.23 -39.67 17.83
N ALA C 73 33.16 -39.24 16.58
CA ALA C 73 32.04 -38.41 16.19
C ALA C 73 31.87 -37.19 17.09
N THR C 74 32.93 -36.43 17.26
CA THR C 74 32.85 -35.23 18.08
C THR C 74 33.37 -33.99 17.36
N LEU C 75 32.77 -32.85 17.62
CA LEU C 75 33.29 -31.61 17.09
C LEU C 75 33.92 -30.81 18.22
N THR C 76 35.13 -30.36 18.02
CA THR C 76 35.84 -29.65 19.04
C THR C 76 36.11 -28.22 18.60
N ILE C 77 35.68 -27.26 19.40
CA ILE C 77 36.03 -25.88 19.14
C ILE C 77 36.79 -25.36 20.32
N SER C 78 38.00 -24.89 20.07
CA SER C 78 38.84 -24.44 21.15
C SER C 78 38.94 -22.94 21.08
N GLY C 79 39.10 -22.29 22.22
CA GLY C 79 39.14 -20.84 22.25
C GLY C 79 37.92 -20.24 21.61
N VAL C 80 36.74 -20.68 22.03
CA VAL C 80 35.50 -20.21 21.42
C VAL C 80 35.29 -18.72 21.57
N GLU C 81 34.81 -18.11 20.49
CA GLU C 81 34.50 -16.70 20.42
C GLU C 81 33.00 -16.47 20.57
N ALA C 82 32.63 -15.21 20.68
CA ALA C 82 31.24 -14.79 20.69
C ALA C 82 30.61 -15.15 19.36
N GLY C 83 31.40 -15.01 18.30
CA GLY C 83 30.98 -15.29 16.95
C GLY C 83 30.60 -16.74 16.73
N ASP C 84 31.11 -17.59 17.59
CA ASP C 84 30.85 -19.02 17.51
C ASP C 84 29.42 -19.43 17.85
N GLU C 85 28.65 -18.54 18.46
CA GLU C 85 27.28 -18.88 18.81
C GLU C 85 26.51 -19.16 17.53
N ALA C 86 25.78 -20.27 17.53
CA ALA C 86 25.16 -20.78 16.32
C ALA C 86 24.79 -22.24 16.44
N ASP C 87 24.10 -22.74 15.41
CA ASP C 87 23.52 -24.06 15.42
C ASP C 87 24.51 -24.97 14.72
N TYR C 88 24.81 -26.12 15.30
CA TYR C 88 25.72 -27.06 14.68
C TYR C 88 25.04 -28.40 14.36
N TYR C 89 25.19 -28.83 13.11
CA TYR C 89 24.58 -30.06 12.64
C TYR C 89 25.68 -31.04 12.26
N CYS C 90 25.52 -32.29 12.67
CA CYS C 90 26.48 -33.31 12.28
C CYS C 90 25.83 -34.23 11.27
N HIS C 91 26.37 -34.25 10.07
CA HIS C 91 25.81 -35.03 8.98
C HIS C 91 26.63 -36.28 8.90
N MET C 92 26.02 -37.42 9.20
CA MET C 92 26.77 -38.65 9.33
C MET C 92 26.46 -39.64 8.23
N TRP C 93 27.50 -40.13 7.59
CA TRP C 93 27.38 -41.18 6.60
C TRP C 93 28.18 -42.37 7.08
N ASP C 94 27.54 -43.53 7.09
CA ASP C 94 28.21 -44.75 7.51
C ASP C 94 27.84 -45.89 6.60
N SER C 95 28.67 -46.92 6.56
CA SER C 95 28.42 -48.07 5.71
C SER C 95 27.15 -48.86 6.05
N ARG C 96 26.85 -49.01 7.32
CA ARG C 96 25.61 -49.68 7.73
C ARG C 96 24.30 -48.98 7.36
N SER C 97 24.23 -47.66 7.53
CA SER C 97 22.95 -46.96 7.49
C SER C 97 22.42 -46.41 6.16
N GLY C 98 23.22 -46.47 5.10
CA GLY C 98 22.77 -45.98 3.80
C GLY C 98 22.75 -44.48 3.67
N PHE C 99 22.13 -43.99 2.59
CA PHE C 99 22.14 -42.56 2.27
C PHE C 99 21.44 -41.74 3.33
N SER C 100 22.05 -40.64 3.75
CA SER C 100 21.44 -39.86 4.82
C SER C 100 20.92 -38.50 4.38
N TRP C 101 19.62 -38.44 4.16
CA TRP C 101 18.90 -37.23 3.85
C TRP C 101 18.84 -36.27 5.02
N SER C 102 18.69 -36.82 6.22
CA SER C 102 18.61 -36.02 7.42
C SER C 102 19.94 -35.35 7.77
N PHE C 103 19.85 -34.08 8.16
CA PHE C 103 20.98 -33.34 8.66
C PHE C 103 21.15 -33.60 10.15
N GLY C 104 20.17 -34.30 10.72
CA GLY C 104 20.20 -34.64 12.12
C GLY C 104 19.67 -33.52 12.99
N GLY C 105 19.90 -33.63 14.29
CA GLY C 105 19.49 -32.59 15.22
C GLY C 105 20.48 -31.45 15.26
N ALA C 106 20.04 -30.32 15.79
CA ALA C 106 20.89 -29.15 15.85
C ALA C 106 21.35 -28.91 17.26
N THR C 107 22.64 -28.64 17.42
CA THR C 107 23.17 -28.26 18.72
C THR C 107 23.35 -26.75 18.70
N ARG C 108 22.70 -26.07 19.64
CA ARG C 108 22.71 -24.63 19.67
C ARG C 108 23.67 -24.15 20.71
N LEU C 109 24.68 -23.41 20.29
CA LEU C 109 25.74 -23.02 21.17
C LEU C 109 25.55 -21.63 21.69
N THR C 110 25.62 -21.49 22.98
CA THR C 110 25.60 -20.20 23.58
C THR C 110 26.89 -19.96 24.26
N VAL C 111 27.43 -18.77 24.15
CA VAL C 111 28.69 -18.45 24.79
C VAL C 111 28.56 -17.42 25.90
N LEU C 112 29.11 -17.71 27.06
CA LEU C 112 28.99 -16.82 28.19
C LEU C 112 30.27 -16.23 28.61
N GLY C 113 30.18 -15.23 29.44
CA GLY C 113 31.36 -14.56 29.99
C GLY C 113 31.62 -13.21 29.30
N GLN C 114 30.73 -12.82 28.39
CA GLN C 114 30.81 -11.52 27.77
C GLN C 114 30.46 -10.44 28.78
N PRO C 115 31.17 -9.25 28.66
CA PRO C 115 30.80 -8.23 29.67
C PRO C 115 29.51 -7.47 29.38
N LYS C 116 28.87 -6.95 30.42
CA LYS C 116 27.63 -6.19 30.28
C LYS C 116 27.82 -4.84 29.57
N ALA C 117 26.96 -4.55 28.60
CA ALA C 117 27.03 -3.30 27.84
C ALA C 117 25.73 -2.50 27.87
N ALA C 118 25.80 -1.23 28.20
CA ALA C 118 24.67 -0.36 28.20
C ALA C 118 24.13 -0.13 26.83
N PRO C 119 22.80 -0.09 26.71
CA PRO C 119 22.15 0.16 25.42
C PRO C 119 22.17 1.60 24.98
N SER C 120 22.24 1.81 23.68
CA SER C 120 22.11 3.12 23.09
C SER C 120 20.70 3.24 22.57
N VAL C 121 20.03 4.33 22.94
CA VAL C 121 18.67 4.58 22.49
C VAL C 121 18.53 5.90 21.77
N THR C 122 17.92 5.86 20.61
CA THR C 122 17.56 7.05 19.86
C THR C 122 16.06 7.00 19.59
N LEU C 123 15.35 8.07 19.90
CA LEU C 123 13.92 8.08 19.70
C LEU C 123 13.56 9.10 18.64
N PHE C 124 12.76 8.66 17.66
CA PHE C 124 12.37 9.51 16.55
C PHE C 124 10.91 9.92 16.64
N PRO C 125 10.64 11.21 16.53
CA PRO C 125 9.26 11.67 16.43
C PRO C 125 8.70 11.39 15.05
N PRO C 126 7.30 11.37 14.95
CA PRO C 126 6.82 11.14 13.57
C PRO C 126 7.24 12.22 12.61
N SER C 127 7.54 11.83 11.37
CA SER C 127 7.88 12.78 10.33
C SER C 127 6.66 13.55 9.89
N SER C 128 6.87 14.74 9.36
CA SER C 128 5.77 15.56 8.87
C SER C 128 5.06 14.83 7.74
N GLU C 129 5.82 14.14 6.90
CA GLU C 129 5.27 13.36 5.80
C GLU C 129 4.34 12.24 6.24
N GLU C 130 4.68 11.53 7.31
CA GLU C 130 3.73 10.58 7.85
C GLU C 130 2.49 11.31 8.36
N LEU C 131 2.71 12.47 8.98
CA LEU C 131 1.62 13.31 9.46
C LEU C 131 0.72 13.82 8.35
N GLN C 132 1.31 14.17 7.22
CA GLN C 132 0.55 14.56 6.05
C GLN C 132 -0.28 13.37 5.61
N ALA C 133 0.24 12.19 5.90
CA ALA C 133 -0.36 10.94 5.49
C ALA C 133 -1.35 10.42 6.51
N ASN C 134 -1.64 11.23 7.51
CA ASN C 134 -2.62 10.89 8.54
C ASN C 134 -2.24 9.69 9.40
N LYS C 135 -0.95 9.52 9.61
CA LYS C 135 -0.44 8.49 10.50
C LYS C 135 0.63 9.09 11.39
N ALA C 136 0.81 8.52 12.56
CA ALA C 136 1.92 8.87 13.41
C ALA C 136 2.64 7.63 13.93
N THR C 137 3.94 7.53 13.70
CA THR C 137 4.71 6.42 14.23
C THR C 137 5.90 6.90 15.05
N LEU C 138 6.05 6.37 16.25
CA LEU C 138 7.19 6.69 17.09
C LEU C 138 8.17 5.54 17.01
N VAL C 139 9.42 5.84 16.71
CA VAL C 139 10.44 4.81 16.51
C VAL C 139 11.53 4.86 17.57
N CYS C 140 11.52 3.89 18.47
CA CYS C 140 12.54 3.80 19.51
C CYS C 140 13.55 2.71 19.17
N LEU C 141 14.76 3.13 18.82
CA LEU C 141 15.80 2.19 18.39
C LEU C 141 16.81 1.90 19.49
N ILE C 142 17.03 0.62 19.75
CA ILE C 142 17.95 0.17 20.78
C ILE C 142 19.05 -0.70 20.20
N SER C 143 20.30 -0.41 20.52
CA SER C 143 21.41 -1.15 19.93
C SER C 143 22.64 -1.21 20.84
N ASP C 144 23.54 -2.14 20.51
CA ASP C 144 24.81 -2.30 21.21
C ASP C 144 24.65 -2.51 22.71
N PHE C 145 23.95 -3.56 23.08
CA PHE C 145 23.79 -3.90 24.49
C PHE C 145 23.98 -5.39 24.75
N TYR C 146 24.54 -5.71 25.91
CA TYR C 146 24.65 -7.07 26.38
C TYR C 146 24.44 -7.09 27.89
N PRO C 147 23.77 -8.16 28.52
CA PRO C 147 23.20 -9.19 27.62
C PRO C 147 21.95 -8.75 26.89
N GLY C 148 21.52 -9.51 25.89
CA GLY C 148 20.40 -9.09 25.08
C GLY C 148 19.05 -9.39 25.68
N ALA C 149 18.76 -8.72 26.79
CA ALA C 149 17.44 -8.71 27.38
C ALA C 149 17.09 -7.28 27.74
N VAL C 150 15.96 -6.80 27.25
CA VAL C 150 15.51 -5.47 27.59
C VAL C 150 14.01 -5.40 27.80
N THR C 151 13.60 -4.40 28.56
CA THR C 151 12.20 -4.11 28.74
C THR C 151 11.92 -2.75 28.14
N VAL C 152 10.89 -2.66 27.33
CA VAL C 152 10.57 -1.40 26.69
C VAL C 152 9.21 -0.92 27.15
N ALA C 153 9.16 0.31 27.62
CA ALA C 153 7.90 0.89 28.04
C ALA C 153 7.74 2.25 27.41
N TRP C 154 6.50 2.67 27.23
CA TRP C 154 6.23 3.95 26.61
C TRP C 154 5.38 4.79 27.54
N LYS C 155 5.56 6.09 27.48
CA LYS C 155 4.75 6.99 28.27
C LYS C 155 4.16 8.08 27.41
N ALA C 156 2.92 8.43 27.69
CA ALA C 156 2.36 9.65 27.16
C ALA C 156 2.29 10.60 28.32
N ASP C 157 3.03 11.70 28.25
CA ASP C 157 3.20 12.53 29.42
C ASP C 157 3.79 11.66 30.52
N SER C 158 3.17 11.62 31.67
CA SER C 158 3.66 10.77 32.75
C SER C 158 2.91 9.44 32.84
N SER C 159 2.02 9.16 31.89
CA SER C 159 1.22 7.95 31.95
C SER C 159 1.59 6.92 30.89
N PRO C 160 1.72 5.61 31.35
CA PRO C 160 2.22 4.66 30.33
C PRO C 160 1.20 4.33 29.24
N VAL C 161 1.69 4.03 28.04
CA VAL C 161 0.83 3.66 26.92
C VAL C 161 0.99 2.19 26.57
N LYS C 162 -0.12 1.46 26.58
CA LYS C 162 -0.08 0.04 26.22
C LYS C 162 -0.47 -0.25 24.76
N ALA C 163 -1.50 0.42 24.27
CA ALA C 163 -2.02 0.17 22.93
C ALA C 163 -1.11 0.71 21.84
N GLY C 164 -1.06 0.03 20.72
CA GLY C 164 -0.27 0.48 19.59
C GLY C 164 1.22 0.23 19.71
N VAL C 165 1.62 -0.60 20.66
CA VAL C 165 3.03 -0.86 20.85
C VAL C 165 3.45 -2.19 20.24
N GLU C 166 4.46 -2.13 19.38
CA GLU C 166 5.07 -3.31 18.81
C GLU C 166 6.58 -3.32 19.08
N THR C 167 7.05 -4.42 19.63
CA THR C 167 8.44 -4.55 20.05
C THR C 167 9.08 -5.85 19.57
N THR C 168 10.24 -5.75 18.94
CA THR C 168 10.98 -6.92 18.49
C THR C 168 11.76 -7.57 19.61
N THR C 169 12.03 -8.86 19.48
CA THR C 169 12.97 -9.54 20.36
C THR C 169 14.38 -9.14 19.97
N PRO C 170 15.27 -9.01 20.96
CA PRO C 170 16.67 -8.65 20.69
C PRO C 170 17.37 -9.66 19.79
N SER C 171 18.18 -9.16 18.86
CA SER C 171 18.95 -10.02 17.97
C SER C 171 20.40 -9.54 17.91
N LYS C 172 21.33 -10.47 17.77
CA LYS C 172 22.75 -10.14 17.77
C LYS C 172 23.20 -9.39 16.53
N GLN C 173 24.03 -8.37 16.74
CA GLN C 173 24.64 -7.64 15.64
C GLN C 173 25.93 -8.33 15.20
N SER C 174 26.63 -7.73 14.25
CA SER C 174 27.89 -8.29 13.78
C SER C 174 28.98 -8.18 14.84
N ASN C 175 28.83 -7.18 15.72
CA ASN C 175 29.80 -6.98 16.79
C ASN C 175 29.42 -7.76 18.05
N ASN C 176 28.60 -8.79 17.86
CA ASN C 176 28.15 -9.67 18.94
C ASN C 176 27.47 -8.92 20.09
N LYS C 177 26.93 -7.75 19.79
CA LYS C 177 26.05 -7.06 20.73
C LYS C 177 24.63 -7.17 20.18
N TYR C 178 23.64 -6.77 20.98
CA TYR C 178 22.25 -6.95 20.58
C TYR C 178 21.59 -5.65 20.13
N ALA C 179 20.61 -5.79 19.25
CA ALA C 179 19.82 -4.65 18.77
C ALA C 179 18.34 -4.98 18.78
N ALA C 180 17.52 -4.00 19.14
CA ALA C 180 16.08 -4.17 19.16
C ALA C 180 15.38 -2.86 18.87
N SER C 181 14.14 -2.95 18.38
CA SER C 181 13.37 -1.75 18.06
C SER C 181 11.96 -1.84 18.65
N SER C 182 11.41 -0.69 19.02
CA SER C 182 10.05 -0.61 19.53
C SER C 182 9.28 0.48 18.82
N TYR C 183 8.06 0.16 18.39
CA TYR C 183 7.26 1.12 17.64
C TYR C 183 5.96 1.48 18.34
N LEU C 184 5.67 2.76 18.39
CA LEU C 184 4.37 3.22 18.89
C LEU C 184 3.60 3.92 17.78
N SER C 185 2.39 3.44 17.53
CA SER C 185 1.60 4.00 16.45
C SER C 185 0.41 4.77 17.00
N LEU C 186 0.27 6.01 16.54
CA LEU C 186 -0.72 6.93 17.05
C LEU C 186 -1.43 7.65 15.94
N THR C 187 -2.62 8.13 16.24
CA THR C 187 -3.26 9.09 15.36
C THR C 187 -2.52 10.43 15.47
N PRO C 188 -2.51 11.19 14.29
CA PRO C 188 -1.80 12.47 14.44
C PRO C 188 -2.39 13.37 15.51
N GLU C 189 -3.71 13.35 15.68
CA GLU C 189 -4.36 14.11 16.73
C GLU C 189 -3.89 13.68 18.11
N GLN C 190 -3.73 12.38 18.30
CA GLN C 190 -3.27 11.83 19.57
C GLN C 190 -1.84 12.30 19.88
N TRP C 191 -1.01 12.35 18.84
CA TRP C 191 0.38 12.80 18.94
C TRP C 191 0.48 14.25 19.40
N LYS C 192 -0.46 15.08 18.97
CA LYS C 192 -0.47 16.49 19.33
C LYS C 192 -1.34 16.75 20.58
N SER C 193 -1.91 15.68 21.12
CA SER C 193 -2.79 15.80 22.27
C SER C 193 -2.02 15.74 23.58
N HIS C 194 -0.72 15.56 23.49
CA HIS C 194 0.14 15.49 24.68
C HIS C 194 1.34 16.42 24.54
N LYS C 195 1.87 16.83 25.68
CA LYS C 195 3.09 17.62 25.73
C LYS C 195 4.28 16.83 25.21
N SER C 196 4.36 15.57 25.61
CA SER C 196 5.47 14.73 25.24
C SER C 196 5.14 13.26 25.29
N TYR C 197 5.94 12.49 24.56
CA TYR C 197 5.90 11.03 24.60
C TYR C 197 7.33 10.58 24.87
N SER C 198 7.50 9.50 25.63
CA SER C 198 8.84 8.99 25.88
C SER C 198 8.98 7.49 25.74
N CYS C 199 10.16 7.05 25.31
CA CYS C 199 10.47 5.65 25.20
C CYS C 199 11.43 5.31 26.33
N GLN C 200 11.04 4.37 27.17
CA GLN C 200 11.80 4.06 28.36
C GLN C 200 12.34 2.63 28.31
N VAL C 201 13.65 2.48 28.41
CA VAL C 201 14.29 1.19 28.22
C VAL C 201 15.03 0.73 29.45
N THR C 202 14.76 -0.48 29.90
CA THR C 202 15.42 -1.01 31.07
C THR C 202 16.41 -2.08 30.69
N HIS C 203 17.66 -1.89 31.08
CA HIS C 203 18.66 -2.92 30.92
C HIS C 203 19.45 -3.10 32.20
N GLU C 204 19.43 -4.30 32.74
CA GLU C 204 20.28 -4.66 33.88
C GLU C 204 20.05 -3.75 35.08
N GLY C 205 18.79 -3.54 35.44
CA GLY C 205 18.45 -2.78 36.63
C GLY C 205 18.36 -1.28 36.43
N SER C 206 19.05 -0.78 35.41
CA SER C 206 19.03 0.65 35.10
C SER C 206 18.22 0.91 33.84
N THR C 207 17.72 2.14 33.71
CA THR C 207 16.88 2.51 32.57
C THR C 207 17.46 3.65 31.76
N VAL C 208 17.22 3.61 30.45
CA VAL C 208 17.58 4.72 29.56
C VAL C 208 16.30 5.31 28.98
N GLU C 209 16.08 6.59 29.24
CA GLU C 209 14.84 7.24 28.86
C GLU C 209 15.04 8.38 27.87
N LYS C 210 14.29 8.35 26.77
CA LYS C 210 14.34 9.39 25.75
C LYS C 210 12.97 10.00 25.55
N THR C 211 12.94 11.31 25.31
CA THR C 211 11.69 12.04 25.17
C THR C 211 11.65 12.89 23.91
N VAL C 212 10.52 12.86 23.23
CA VAL C 212 10.28 13.73 22.07
C VAL C 212 8.99 14.51 22.30
N ALA C 213 8.89 15.66 21.64
CA ALA C 213 7.70 16.49 21.75
C ALA C 213 7.35 17.14 20.43
N PRO C 214 5.97 17.35 20.22
CA PRO C 214 5.69 18.09 18.98
C PRO C 214 6.21 19.53 18.96
N THR C 215 6.80 19.92 17.84
CA THR C 215 7.43 21.22 17.71
C THR C 215 7.31 21.75 16.28
N VAL D 2 33.48 -20.13 -7.19
CA VAL D 2 32.18 -19.83 -7.76
C VAL D 2 31.35 -19.06 -6.76
N GLN D 3 30.47 -18.20 -7.25
CA GLN D 3 29.58 -17.46 -6.39
C GLN D 3 28.12 -17.68 -6.80
N LEU D 4 27.27 -17.96 -5.83
CA LEU D 4 25.91 -18.37 -6.10
C LEU D 4 24.88 -17.34 -5.65
N GLN D 5 23.98 -16.95 -6.54
CA GLN D 5 22.89 -16.05 -6.15
C GLN D 5 21.50 -16.62 -6.38
N GLU D 6 20.73 -16.73 -5.31
CA GLU D 6 19.33 -17.15 -5.39
C GLU D 6 18.38 -16.01 -5.73
N SER D 7 17.33 -16.33 -6.46
CA SER D 7 16.27 -15.38 -6.74
C SER D 7 14.93 -16.10 -6.62
N GLY D 8 13.92 -15.41 -6.11
CA GLY D 8 12.63 -16.04 -5.94
C GLY D 8 11.47 -15.08 -6.06
N PRO D 9 10.27 -15.62 -5.90
CA PRO D 9 9.04 -14.81 -6.00
C PRO D 9 8.71 -14.05 -4.72
N GLY D 10 9.26 -14.49 -3.59
CA GLY D 10 8.99 -13.87 -2.31
C GLY D 10 7.73 -14.42 -1.67
N LEU D 11 6.62 -14.34 -2.39
CA LEU D 11 5.33 -14.87 -1.95
C LEU D 11 4.74 -15.87 -2.92
N VAL D 12 4.23 -16.97 -2.41
CA VAL D 12 3.51 -17.93 -3.23
C VAL D 12 2.15 -18.23 -2.64
N LYS D 13 1.13 -18.23 -3.48
CA LYS D 13 -0.20 -18.63 -3.07
C LYS D 13 -0.26 -20.12 -2.80
N PRO D 14 -1.12 -20.49 -1.75
CA PRO D 14 -1.17 -21.95 -1.55
C PRO D 14 -1.75 -22.74 -2.71
N SER D 15 -1.19 -23.93 -2.94
CA SER D 15 -1.66 -24.84 -3.95
C SER D 15 -1.13 -24.45 -5.31
N GLU D 16 -0.32 -23.41 -5.33
CA GLU D 16 0.40 -22.99 -6.53
C GLU D 16 1.83 -23.50 -6.55
N THR D 17 2.59 -23.13 -7.57
CA THR D 17 3.93 -23.65 -7.75
C THR D 17 5.03 -22.69 -7.34
N LEU D 18 5.85 -23.13 -6.40
CA LEU D 18 7.00 -22.36 -5.94
C LEU D 18 8.13 -22.52 -6.93
N SER D 19 8.69 -21.42 -7.41
CA SER D 19 9.82 -21.49 -8.31
C SER D 19 10.96 -20.62 -7.83
N VAL D 20 12.13 -21.21 -7.61
CA VAL D 20 13.30 -20.46 -7.19
C VAL D 20 14.44 -20.69 -8.15
N THR D 21 15.25 -19.66 -8.34
CA THR D 21 16.33 -19.72 -9.28
C THR D 21 17.68 -19.45 -8.63
N CYS D 22 18.69 -20.18 -9.07
CA CYS D 22 20.04 -19.98 -8.56
C CYS D 22 20.99 -19.59 -9.68
N ILE D 23 21.36 -18.31 -9.71
CA ILE D 23 22.31 -17.80 -10.70
C ILE D 23 23.75 -18.02 -10.23
N VAL D 24 24.52 -18.77 -11.00
CA VAL D 24 25.90 -19.04 -10.64
C VAL D 24 26.88 -18.34 -11.60
N SER D 25 28.05 -18.00 -11.09
CA SER D 25 29.08 -17.34 -11.89
C SER D 25 30.47 -17.75 -11.42
N GLY D 26 31.46 -17.54 -12.28
CA GLY D 26 32.83 -17.90 -11.97
C GLY D 26 33.15 -19.34 -12.33
N GLY D 27 32.26 -19.95 -13.10
CA GLY D 27 32.44 -21.33 -13.52
C GLY D 27 31.24 -21.88 -14.28
N SER D 28 31.48 -22.92 -15.08
CA SER D 28 30.42 -23.57 -15.83
C SER D 28 29.60 -24.48 -14.92
N ILE D 29 28.28 -24.36 -15.01
CA ILE D 29 27.36 -25.11 -14.17
C ILE D 29 27.44 -26.63 -14.36
N SER D 30 27.76 -27.06 -15.57
CA SER D 30 27.84 -28.49 -15.92
C SER D 30 28.92 -29.23 -15.15
N ASN D 31 29.93 -28.48 -14.72
CA ASN D 31 31.04 -29.01 -13.96
C ASN D 31 30.73 -29.55 -12.55
N TYR D 32 29.60 -29.15 -11.98
CA TYR D 32 29.31 -29.44 -10.58
C TYR D 32 28.00 -30.16 -10.30
N TYR D 33 27.95 -30.84 -9.16
CA TYR D 33 26.72 -31.28 -8.55
C TYR D 33 26.04 -30.07 -7.91
N TRP D 34 24.72 -30.00 -7.99
CA TRP D 34 23.98 -28.89 -7.42
C TRP D 34 22.82 -29.38 -6.56
N THR D 35 22.60 -28.72 -5.43
CA THR D 35 21.59 -29.17 -4.48
C THR D 35 20.80 -28.03 -3.86
N TRP D 36 19.62 -28.35 -3.34
CA TRP D 36 18.77 -27.36 -2.69
C TRP D 36 18.47 -27.72 -1.24
N ILE D 37 18.60 -26.75 -0.35
CA ILE D 37 18.31 -26.95 1.06
C ILE D 37 17.40 -25.83 1.56
N ARG D 38 16.51 -26.14 2.47
CA ARG D 38 15.63 -25.13 3.02
C ARG D 38 15.53 -25.19 4.55
N GLN D 39 15.26 -24.05 5.17
CA GLN D 39 14.99 -24.04 6.59
C GLN D 39 13.70 -23.28 6.89
N SER D 40 12.75 -23.96 7.50
CA SER D 40 11.45 -23.38 7.79
C SER D 40 11.38 -22.96 9.24
N PRO D 41 10.56 -21.85 9.51
CA PRO D 41 10.62 -21.41 10.91
C PRO D 41 10.21 -22.50 11.88
N GLY D 42 10.96 -22.63 12.96
CA GLY D 42 10.69 -23.63 13.97
C GLY D 42 11.22 -25.00 13.60
N LYS D 43 11.99 -25.05 12.52
CA LYS D 43 12.48 -26.30 12.00
C LYS D 43 13.95 -26.21 11.57
N GLY D 44 14.60 -27.36 11.52
CA GLY D 44 15.97 -27.49 11.07
C GLY D 44 16.10 -27.49 9.57
N LEU D 45 17.34 -27.44 9.09
CA LEU D 45 17.60 -27.47 7.66
C LEU D 45 17.08 -28.77 7.09
N GLU D 46 16.55 -28.69 5.88
CA GLU D 46 15.97 -29.84 5.20
C GLU D 46 16.60 -30.02 3.84
N TRP D 47 17.00 -31.25 3.51
CA TRP D 47 17.65 -31.51 2.24
C TRP D 47 16.64 -31.92 1.18
N ILE D 48 16.33 -31.01 0.28
CA ILE D 48 15.39 -31.25 -0.81
C ILE D 48 15.79 -32.29 -1.87
N GLY D 49 17.03 -32.25 -2.34
CA GLY D 49 17.51 -33.14 -3.39
C GLY D 49 18.64 -32.54 -4.18
N TYR D 50 19.20 -33.28 -5.14
CA TYR D 50 20.36 -32.82 -5.90
C TYR D 50 20.41 -33.21 -7.36
N ILE D 51 21.19 -32.46 -8.13
CA ILE D 51 21.41 -32.79 -9.53
C ILE D 51 22.89 -32.96 -9.83
N SER D 52 23.21 -34.06 -10.49
CA SER D 52 24.58 -34.40 -10.83
C SER D 52 25.06 -33.60 -12.03
N ASP D 53 26.36 -33.67 -12.28
CA ASP D 53 26.98 -33.02 -13.43
C ASP D 53 26.48 -33.67 -14.72
N ARG D 54 25.88 -34.85 -14.60
CA ARG D 54 25.29 -35.53 -15.74
C ARG D 54 23.80 -35.26 -15.90
N GLU D 55 23.26 -34.34 -15.12
CA GLU D 55 21.85 -34.01 -15.19
C GLU D 55 20.98 -35.11 -14.63
N THR D 56 21.53 -35.93 -13.75
CA THR D 56 20.75 -36.95 -13.08
C THR D 56 20.37 -36.45 -11.72
N THR D 57 19.09 -36.53 -11.40
CA THR D 57 18.60 -35.92 -10.19
C THR D 57 18.12 -36.95 -9.22
N THR D 58 18.34 -36.68 -7.95
CA THR D 58 17.86 -37.53 -6.87
C THR D 58 17.14 -36.66 -5.87
N TYR D 59 15.99 -37.12 -5.40
CA TYR D 59 15.16 -36.30 -4.55
C TYR D 59 14.95 -36.97 -3.22
N ASN D 60 14.65 -36.18 -2.20
CA ASN D 60 14.29 -36.70 -0.92
C ASN D 60 13.01 -37.50 -1.02
N PRO D 61 12.98 -38.70 -0.29
CA PRO D 61 11.70 -39.43 -0.38
C PRO D 61 10.53 -38.64 0.18
N SER D 62 10.79 -37.76 1.14
CA SER D 62 9.77 -36.91 1.74
C SER D 62 9.12 -35.96 0.74
N LEU D 63 9.92 -35.38 -0.14
CA LEU D 63 9.42 -34.43 -1.14
C LEU D 63 9.44 -34.91 -2.58
N LYS D 64 9.67 -36.20 -2.82
CA LYS D 64 9.95 -36.67 -4.18
C LYS D 64 8.84 -36.45 -5.20
N SER D 65 7.60 -36.65 -4.78
CA SER D 65 6.46 -36.47 -5.67
C SER D 65 6.31 -35.05 -6.17
N ARG D 66 6.56 -34.07 -5.31
CA ARG D 66 6.30 -32.67 -5.60
C ARG D 66 7.47 -31.81 -6.08
N VAL D 67 8.65 -32.38 -6.30
CA VAL D 67 9.82 -31.57 -6.61
C VAL D 67 10.46 -31.85 -7.95
N VAL D 68 10.82 -30.80 -8.68
CA VAL D 68 11.68 -30.93 -9.84
C VAL D 68 12.89 -30.00 -9.75
N ILE D 69 14.07 -30.55 -9.99
CA ILE D 69 15.28 -29.76 -10.02
C ILE D 69 15.86 -29.85 -11.42
N SER D 70 16.23 -28.72 -11.99
CA SER D 70 16.68 -28.69 -13.36
C SER D 70 17.82 -27.72 -13.59
N ARG D 71 18.53 -27.88 -14.70
CA ARG D 71 19.69 -27.08 -15.00
C ARG D 71 19.57 -26.36 -16.33
N ASP D 72 19.88 -25.08 -16.36
CA ASP D 72 19.92 -24.37 -17.63
C ASP D 72 21.33 -23.90 -17.94
N THR D 73 22.00 -24.61 -18.84
CA THR D 73 23.38 -24.30 -19.18
C THR D 73 23.59 -22.97 -19.87
N SER D 74 22.68 -22.60 -20.77
CA SER D 74 22.84 -21.37 -21.52
C SER D 74 22.78 -20.15 -20.63
N LYS D 75 21.85 -20.15 -19.68
CA LYS D 75 21.75 -19.07 -18.72
C LYS D 75 22.66 -19.26 -17.51
N ASN D 76 23.25 -20.45 -17.40
CA ASN D 76 24.08 -20.79 -16.26
C ASN D 76 23.37 -20.70 -14.93
N GLN D 77 22.13 -21.16 -14.90
CA GLN D 77 21.32 -21.08 -13.71
C GLN D 77 20.67 -22.41 -13.39
N LEU D 78 20.28 -22.57 -12.13
CA LEU D 78 19.72 -23.81 -11.63
C LEU D 78 18.33 -23.53 -11.11
N SER D 79 17.43 -24.48 -11.25
CA SER D 79 16.04 -24.24 -10.89
C SER D 79 15.49 -25.29 -9.95
N LEU D 80 14.63 -24.88 -9.04
CA LEU D 80 13.85 -25.79 -8.22
C LEU D 80 12.37 -25.43 -8.27
N LYS D 81 11.51 -26.40 -8.56
CA LYS D 81 10.07 -26.15 -8.58
C LYS D 81 9.35 -27.06 -7.59
N LEU D 82 8.47 -26.47 -6.79
CA LEU D 82 7.69 -27.22 -5.82
C LEU D 82 6.23 -26.95 -6.11
N ASN D 83 5.43 -28.00 -6.25
CA ASN D 83 4.04 -27.80 -6.59
C ASN D 83 3.10 -28.15 -5.46
N SER D 84 1.90 -27.58 -5.50
CA SER D 84 0.92 -27.79 -4.45
C SER D 84 1.43 -27.37 -3.08
N VAL D 85 2.10 -26.23 -3.05
CA VAL D 85 2.69 -25.74 -1.82
C VAL D 85 1.67 -25.36 -0.77
N THR D 86 2.09 -25.47 0.47
CA THR D 86 1.28 -25.21 1.63
C THR D 86 2.09 -24.38 2.59
N ALA D 87 1.54 -24.09 3.75
CA ALA D 87 2.22 -23.29 4.77
C ALA D 87 3.48 -24.01 5.25
N ALA D 88 3.50 -25.32 5.12
CA ALA D 88 4.66 -26.12 5.48
C ALA D 88 5.87 -25.74 4.63
N ASP D 89 5.60 -25.18 3.47
CA ASP D 89 6.61 -24.87 2.48
C ASP D 89 7.21 -23.48 2.63
N THR D 90 6.82 -22.74 3.65
CA THR D 90 7.43 -21.45 3.91
C THR D 90 8.79 -21.68 4.52
N ALA D 91 9.82 -21.16 3.87
CA ALA D 91 11.19 -21.36 4.29
C ALA D 91 12.13 -20.42 3.57
N ILE D 92 13.38 -20.38 4.03
CA ILE D 92 14.43 -19.74 3.27
C ILE D 92 15.10 -20.80 2.41
N TYR D 93 15.23 -20.55 1.13
CA TYR D 93 15.73 -21.57 0.24
C TYR D 93 17.16 -21.32 -0.17
N TYR D 94 18.04 -22.25 0.17
CA TYR D 94 19.45 -22.12 -0.16
C TYR D 94 19.85 -23.07 -1.28
N CYS D 95 20.59 -22.56 -2.26
CA CYS D 95 21.22 -23.43 -3.24
C CYS D 95 22.69 -23.57 -2.90
N ALA D 96 23.27 -24.72 -3.23
CA ALA D 96 24.67 -24.97 -2.91
C ALA D 96 25.26 -26.03 -3.84
N THR D 97 26.56 -25.95 -4.08
CA THR D 97 27.25 -26.97 -4.86
C THR D 97 27.55 -28.16 -3.96
N ALA D 98 27.40 -29.37 -4.50
CA ALA D 98 27.66 -30.57 -3.74
C ALA D 98 28.91 -31.28 -4.24
N ARG D 99 29.70 -31.80 -3.31
CA ARG D 99 30.89 -32.55 -3.66
C ARG D 99 30.69 -34.01 -3.27
N ARG D 100 30.89 -34.90 -4.23
CA ARG D 100 30.77 -36.31 -3.92
C ARG D 100 32.13 -36.89 -3.59
N GLY D 101 32.21 -37.53 -2.44
CA GLY D 101 33.44 -38.14 -2.01
C GLY D 101 33.13 -39.57 -1.67
N GLN D 102 34.12 -40.44 -1.78
CA GLN D 102 33.90 -41.83 -1.46
C GLN D 102 34.84 -42.28 -0.35
N ARG D 103 34.27 -43.01 0.61
CA ARG D 103 35.05 -43.55 1.70
C ARG D 103 35.08 -45.07 1.57
N ILE D 104 36.26 -45.65 1.50
CA ILE D 104 36.35 -47.09 1.36
C ILE D 104 36.89 -47.78 2.59
N TYR D 105 36.05 -48.61 3.19
CA TYR D 105 36.43 -49.45 4.32
C TYR D 105 37.43 -50.51 3.90
N GLY D 106 37.19 -51.10 2.74
CA GLY D 106 37.96 -52.25 2.31
C GLY D 106 38.67 -52.07 0.98
N VAL D 107 38.24 -52.88 0.02
CA VAL D 107 38.86 -52.91 -1.28
C VAL D 107 37.83 -52.68 -2.37
N VAL D 108 38.29 -52.01 -3.42
CA VAL D 108 37.51 -51.72 -4.62
C VAL D 108 37.09 -52.95 -5.44
N SER D 109 37.91 -53.99 -5.45
CA SER D 109 37.56 -55.16 -6.25
C SER D 109 36.28 -55.77 -5.71
N PHE D 110 36.19 -55.98 -4.40
CA PHE D 110 34.90 -56.10 -3.77
C PHE D 110 34.32 -54.71 -3.89
N GLY D 111 35.16 -53.74 -3.57
CA GLY D 111 34.99 -52.35 -3.92
C GLY D 111 33.67 -51.76 -3.50
N GLU D 112 33.15 -52.13 -2.33
CA GLU D 112 31.87 -51.57 -1.93
C GLU D 112 31.94 -50.06 -1.66
N PHE D 113 32.95 -49.67 -0.89
CA PHE D 113 33.14 -48.28 -0.47
C PHE D 113 31.81 -47.70 -0.05
N PHE D 114 31.68 -46.40 -0.18
CA PHE D 114 30.38 -45.74 -0.15
C PHE D 114 30.54 -44.30 -0.59
N TYR D 115 29.43 -43.64 -0.92
CA TYR D 115 29.50 -42.30 -1.46
C TYR D 115 28.86 -41.34 -0.48
N TYR D 116 29.51 -40.21 -0.24
CA TYR D 116 28.96 -39.18 0.64
C TYR D 116 29.01 -37.81 -0.03
N TYR D 117 28.13 -36.90 0.38
CA TYR D 117 28.08 -35.57 -0.19
C TYR D 117 28.26 -34.47 0.83
N TYR D 118 29.08 -33.49 0.52
CA TYR D 118 29.22 -32.32 1.35
C TYR D 118 29.12 -31.05 0.55
N MET D 119 28.51 -30.04 1.14
CA MET D 119 28.30 -28.79 0.45
C MET D 119 29.28 -27.73 0.94
N ASP D 120 30.33 -27.47 0.17
CA ASP D 120 31.27 -26.39 0.46
C ASP D 120 30.77 -24.97 0.23
N VAL D 121 30.07 -24.76 -0.88
CA VAL D 121 29.73 -23.41 -1.30
C VAL D 121 28.23 -23.17 -1.30
N TRP D 122 27.82 -22.10 -0.65
CA TRP D 122 26.41 -21.83 -0.47
C TRP D 122 26.06 -20.47 -1.00
N GLY D 123 24.84 -20.32 -1.45
CA GLY D 123 24.33 -19.02 -1.86
C GLY D 123 23.78 -18.30 -0.66
N LYS D 124 23.40 -17.04 -0.82
CA LYS D 124 22.81 -16.26 0.26
C LYS D 124 21.46 -16.80 0.72
N GLY D 125 20.68 -17.28 -0.23
CA GLY D 125 19.37 -17.84 0.04
C GLY D 125 18.26 -16.82 -0.13
N THR D 126 17.09 -17.31 -0.46
CA THR D 126 15.95 -16.46 -0.78
C THR D 126 14.74 -16.84 0.06
N ALA D 127 14.13 -15.85 0.71
CA ALA D 127 12.98 -16.12 1.55
C ALA D 127 11.70 -16.21 0.74
N VAL D 128 10.94 -17.27 0.98
CA VAL D 128 9.67 -17.48 0.32
C VAL D 128 8.59 -17.69 1.37
N THR D 129 7.53 -16.91 1.30
CA THR D 129 6.45 -17.00 2.26
C THR D 129 5.20 -17.49 1.57
N VAL D 130 4.59 -18.53 2.10
CA VAL D 130 3.36 -19.04 1.50
C VAL D 130 2.15 -18.47 2.20
N SER D 131 1.41 -17.61 1.51
CA SER D 131 0.20 -17.03 2.05
C SER D 131 -0.85 -16.76 0.98
N SER D 132 -2.11 -16.84 1.40
CA SER D 132 -3.25 -16.42 0.61
C SER D 132 -3.22 -14.92 0.35
N ALA D 133 -2.71 -14.20 1.33
CA ALA D 133 -2.76 -12.75 1.36
C ALA D 133 -1.95 -12.12 0.24
N SER D 134 -2.29 -10.88 -0.08
CA SER D 134 -1.62 -10.11 -1.10
C SER D 134 -0.26 -9.61 -0.68
N THR D 135 0.55 -9.23 -1.64
CA THR D 135 1.83 -8.61 -1.37
C THR D 135 1.61 -7.12 -1.28
N LYS D 136 2.11 -6.51 -0.21
CA LYS D 136 1.96 -5.08 -0.04
C LYS D 136 3.28 -4.36 0.03
N GLY D 137 3.47 -3.39 -0.85
CA GLY D 137 4.67 -2.58 -0.85
C GLY D 137 4.75 -1.68 0.35
N PRO D 138 6.04 -1.39 0.79
CA PRO D 138 6.07 -0.50 1.96
C PRO D 138 5.94 0.99 1.60
N SER D 139 5.53 1.79 2.57
CA SER D 139 5.61 3.23 2.45
C SER D 139 6.77 3.74 3.30
N VAL D 140 7.58 4.60 2.72
CA VAL D 140 8.83 4.99 3.34
C VAL D 140 8.82 6.43 3.84
N PHE D 141 9.13 6.60 5.12
CA PHE D 141 9.11 7.92 5.74
C PHE D 141 10.48 8.32 6.26
N PRO D 142 10.88 9.63 5.95
CA PRO D 142 12.23 9.97 6.47
C PRO D 142 12.29 10.21 7.97
N LEU D 143 13.42 9.89 8.57
CA LEU D 143 13.65 10.21 9.97
C LEU D 143 14.69 11.31 10.03
N ALA D 144 14.28 12.48 10.48
CA ALA D 144 15.11 13.65 10.41
C ALA D 144 16.07 13.76 11.57
N PRO D 145 17.39 14.04 11.21
CA PRO D 145 18.29 14.22 12.36
C PRO D 145 18.11 15.58 13.03
N SER D 146 18.53 15.67 14.28
CA SER D 146 18.53 16.95 14.97
C SER D 146 19.94 17.53 15.05
N GLY D 153 29.65 14.97 18.98
CA GLY D 153 29.36 15.70 17.76
C GLY D 153 28.83 14.78 16.67
N THR D 154 27.90 13.91 17.02
CA THR D 154 27.32 12.99 16.06
C THR D 154 25.80 13.01 16.11
N ALA D 155 25.18 12.74 14.96
CA ALA D 155 23.75 12.77 14.85
C ALA D 155 23.23 11.50 14.19
N ALA D 156 22.00 11.13 14.54
CA ALA D 156 21.37 9.96 13.98
C ALA D 156 20.35 10.35 12.94
N LEU D 157 20.44 9.73 11.78
CA LEU D 157 19.53 9.99 10.67
C LEU D 157 19.04 8.68 10.10
N GLY D 158 17.83 8.66 9.56
CA GLY D 158 17.25 7.41 9.12
C GLY D 158 16.07 7.56 8.19
N CYS D 159 15.63 6.45 7.62
CA CYS D 159 14.30 6.39 7.04
C CYS D 159 13.53 5.17 7.54
N LEU D 160 12.23 5.31 7.67
CA LEU D 160 11.38 4.28 8.27
C LEU D 160 10.52 3.61 7.21
N VAL D 161 10.56 2.29 7.17
CA VAL D 161 9.85 1.51 6.17
C VAL D 161 8.68 0.83 6.83
N LYS D 162 7.49 1.13 6.36
CA LYS D 162 6.29 0.81 7.10
C LYS D 162 5.29 -0.10 6.39
N ASP D 163 4.71 -1.03 7.13
CA ASP D 163 3.60 -1.84 6.63
C ASP D 163 3.82 -2.59 5.31
N TYR D 164 4.80 -3.48 5.28
CA TYR D 164 5.06 -4.27 4.08
C TYR D 164 4.88 -5.78 4.33
N PHE D 165 4.53 -6.52 3.29
CA PHE D 165 4.44 -7.98 3.32
C PHE D 165 4.74 -8.53 1.93
N PRO D 166 5.41 -9.67 1.83
CA PRO D 166 6.09 -10.32 2.94
C PRO D 166 7.53 -9.85 3.07
N GLU D 167 8.28 -10.48 3.96
CA GLU D 167 9.72 -10.25 4.06
C GLU D 167 10.37 -10.80 2.79
N PRO D 168 11.58 -10.24 2.30
CA PRO D 168 12.21 -9.23 3.14
C PRO D 168 12.27 -7.89 2.44
N VAL D 169 12.81 -6.89 3.11
CA VAL D 169 13.14 -5.64 2.49
C VAL D 169 14.63 -5.32 2.61
N THR D 170 15.18 -4.72 1.56
CA THR D 170 16.59 -4.33 1.53
C THR D 170 16.77 -2.83 1.42
N VAL D 171 17.67 -2.29 2.25
CA VAL D 171 17.88 -0.86 2.35
C VAL D 171 19.33 -0.48 2.09
N SER D 172 19.54 0.52 1.25
CA SER D 172 20.89 1.02 1.02
C SER D 172 20.92 2.53 1.05
N TRP D 173 22.05 3.10 1.42
CA TRP D 173 22.15 4.55 1.53
C TRP D 173 23.06 5.13 0.48
N ASN D 174 22.57 6.12 -0.25
CA ASN D 174 23.34 6.75 -1.30
C ASN D 174 23.76 5.68 -2.28
N SER D 175 22.85 4.76 -2.55
CA SER D 175 23.16 3.63 -3.39
C SER D 175 24.33 2.89 -2.76
N GLY D 176 25.37 2.63 -3.51
CA GLY D 176 26.53 1.96 -2.97
C GLY D 176 27.22 2.73 -1.87
N ALA D 177 27.24 4.05 -2.01
CA ALA D 177 28.25 4.91 -1.43
C ALA D 177 28.40 4.88 0.08
N LEU D 178 27.30 4.82 0.81
CA LEU D 178 27.39 4.87 2.26
C LEU D 178 27.12 3.51 2.90
N THR D 179 28.12 2.98 3.57
CA THR D 179 27.97 1.72 4.29
C THR D 179 28.28 1.83 5.78
N SER D 180 28.96 2.90 6.15
CA SER D 180 29.36 3.08 7.55
C SER D 180 28.93 4.42 8.11
N GLY D 181 28.34 4.45 9.29
CA GLY D 181 27.92 3.26 10.00
C GLY D 181 26.45 3.17 9.78
N VAL D 182 26.04 2.17 9.00
CA VAL D 182 24.66 2.01 8.62
C VAL D 182 24.13 0.84 9.40
N HIS D 183 23.08 1.06 10.16
CA HIS D 183 22.48 -0.01 10.92
C HIS D 183 21.06 -0.18 10.44
N THR D 184 20.77 -1.33 9.83
CA THR D 184 19.40 -1.62 9.47
C THR D 184 18.85 -2.63 10.44
N PHE D 185 17.87 -2.20 11.21
CA PHE D 185 17.27 -3.03 12.26
C PHE D 185 16.40 -4.15 11.73
N PRO D 186 16.43 -5.32 12.49
CA PRO D 186 15.50 -6.36 12.02
C PRO D 186 14.07 -5.89 12.12
N ALA D 187 13.23 -6.34 11.19
CA ALA D 187 11.84 -5.95 11.11
C ALA D 187 10.96 -6.44 12.24
N VAL D 188 9.90 -5.71 12.52
CA VAL D 188 8.92 -6.08 13.53
C VAL D 188 7.65 -6.58 12.86
N LEU D 189 7.11 -7.67 13.36
CA LEU D 189 5.86 -8.20 12.84
C LEU D 189 4.71 -7.66 13.68
N GLN D 190 3.94 -6.76 13.09
CA GLN D 190 2.82 -6.13 13.80
C GLN D 190 1.61 -7.05 13.89
N SER D 191 0.69 -6.68 14.76
CA SER D 191 -0.56 -7.40 14.99
C SER D 191 -1.40 -7.42 13.72
N SER D 192 -1.27 -6.37 12.92
CA SER D 192 -1.94 -6.29 11.63
C SER D 192 -1.45 -7.43 10.74
N GLY D 193 -0.22 -7.87 10.96
CA GLY D 193 0.40 -8.91 10.15
C GLY D 193 1.30 -8.40 9.05
N LEU D 194 1.41 -7.09 8.95
CA LEU D 194 2.42 -6.42 8.15
C LEU D 194 3.74 -6.29 8.90
N TYR D 195 4.81 -6.05 8.16
CA TYR D 195 6.15 -5.84 8.72
C TYR D 195 6.58 -4.37 8.63
N SER D 196 7.47 -3.99 9.54
CA SER D 196 8.06 -2.65 9.53
C SER D 196 9.47 -2.68 10.13
N LEU D 197 10.36 -1.87 9.56
CA LEU D 197 11.71 -1.76 10.10
C LEU D 197 12.25 -0.34 9.92
N SER D 198 13.43 -0.10 10.47
CA SER D 198 14.10 1.18 10.34
C SER D 198 15.56 0.98 9.94
N SER D 199 16.08 1.90 9.15
CA SER D 199 17.48 1.87 8.77
C SER D 199 18.12 3.22 9.07
N VAL D 200 19.04 3.23 10.04
CA VAL D 200 19.63 4.46 10.53
C VAL D 200 21.12 4.55 10.27
N VAL D 201 21.57 5.73 9.89
CA VAL D 201 22.98 5.99 9.69
C VAL D 201 23.43 7.08 10.65
N THR D 202 24.56 6.85 11.31
CA THR D 202 25.10 7.82 12.24
C THR D 202 26.18 8.59 11.54
N VAL D 203 26.05 9.91 11.56
CA VAL D 203 26.95 10.76 10.80
C VAL D 203 27.46 11.91 11.64
N PRO D 204 28.69 12.44 11.22
CA PRO D 204 29.15 13.56 12.06
C PRO D 204 28.23 14.75 11.91
N SER D 205 28.05 15.52 12.97
CA SER D 205 27.07 16.59 12.98
C SER D 205 27.40 17.60 11.91
N SER D 206 28.69 17.82 11.69
CA SER D 206 29.17 18.77 10.72
C SER D 206 28.66 18.39 9.34
N SER D 207 28.59 17.08 9.10
CA SER D 207 28.27 16.51 7.81
C SER D 207 26.87 16.79 7.29
N LEU D 208 25.95 17.16 8.18
CA LEU D 208 24.56 17.25 7.79
C LEU D 208 24.28 18.23 6.65
N GLY D 209 24.89 19.42 6.70
CA GLY D 209 24.75 20.35 5.59
C GLY D 209 25.39 19.93 4.28
N THR D 210 26.61 19.42 4.38
CA THR D 210 27.45 19.06 3.24
C THR D 210 26.95 17.91 2.37
N GLN D 211 26.39 16.89 3.02
CA GLN D 211 26.09 15.64 2.36
C GLN D 211 24.60 15.38 2.17
N THR D 212 24.19 15.09 0.95
CA THR D 212 22.83 14.64 0.69
C THR D 212 22.67 13.19 1.10
N TYR D 213 21.54 12.86 1.72
CA TYR D 213 21.31 11.48 2.14
C TYR D 213 20.05 10.92 1.53
N ILE D 214 20.17 9.77 0.89
CA ILE D 214 19.02 9.10 0.32
C ILE D 214 19.04 7.65 0.76
N CYS D 215 17.89 7.15 1.19
CA CYS D 215 17.79 5.76 1.54
C CYS D 215 17.06 5.06 0.40
N ASN D 216 17.67 4.02 -0.15
CA ASN D 216 17.09 3.33 -1.28
C ASN D 216 16.46 2.03 -0.82
N VAL D 217 15.16 1.92 -1.00
CA VAL D 217 14.41 0.80 -0.45
C VAL D 217 13.91 -0.12 -1.53
N ASN D 218 14.18 -1.41 -1.39
CA ASN D 218 13.72 -2.39 -2.34
C ASN D 218 12.91 -3.49 -1.69
N HIS D 219 11.67 -3.65 -2.13
CA HIS D 219 10.88 -4.81 -1.74
C HIS D 219 10.57 -5.58 -3.01
N LYS D 220 11.24 -6.70 -3.18
CA LYS D 220 11.15 -7.45 -4.42
C LYS D 220 9.75 -7.99 -4.65
N PRO D 221 9.13 -8.49 -3.49
CA PRO D 221 7.78 -9.01 -3.73
C PRO D 221 6.78 -7.99 -4.25
N SER D 222 6.93 -6.72 -3.92
CA SER D 222 5.93 -5.72 -4.24
C SER D 222 5.61 -5.37 -5.71
N ASN D 223 6.57 -5.20 -6.59
CA ASN D 223 7.96 -5.00 -6.26
C ASN D 223 8.19 -3.51 -6.21
N THR D 224 8.65 -3.03 -5.06
CA THR D 224 8.66 -1.61 -4.81
C THR D 224 10.07 -1.07 -4.62
N LYS D 225 10.39 -0.02 -5.35
CA LYS D 225 11.62 0.69 -5.14
C LYS D 225 11.26 2.10 -4.71
N VAL D 226 11.82 2.55 -3.60
CA VAL D 226 11.56 3.90 -3.16
C VAL D 226 12.85 4.56 -2.78
N ASP D 227 13.08 5.74 -3.32
CA ASP D 227 14.22 6.52 -2.90
C ASP D 227 13.71 7.73 -2.17
N LYS D 228 14.10 7.88 -0.91
CA LYS D 228 13.66 9.01 -0.12
C LYS D 228 14.81 9.87 0.33
N LYS D 229 14.72 11.16 0.04
CA LYS D 229 15.74 12.10 0.48
C LYS D 229 15.48 12.52 1.91
N VAL D 230 16.51 12.49 2.74
CA VAL D 230 16.36 12.86 4.13
C VAL D 230 17.13 14.14 4.41
N GLU D 231 16.43 15.13 4.95
CA GLU D 231 17.04 16.40 5.25
C GLU D 231 16.66 16.88 6.64
N PRO D 232 17.59 17.73 7.24
CA PRO D 232 17.13 18.26 8.54
C PRO D 232 15.94 19.18 8.36
#